data_7Y66
#
_entry.id   7Y66
#
_cell.length_a   1.00
_cell.length_b   1.00
_cell.length_c   1.00
_cell.angle_alpha   90.00
_cell.angle_beta   90.00
_cell.angle_gamma   90.00
#
_symmetry.space_group_name_H-M   'P 1'
#
loop_
_entity.id
_entity.type
_entity.pdbx_description
1 polymer 'Guanine nucleotide-binding protein G(i) subunit alpha-1'
2 polymer 'Guanine nucleotide-binding protein G(I)/G(S)/G(T) subunit beta-1'
3 polymer 'Guanine nucleotide-binding protein G(I)/G(S)/G(O) subunit gamma-2'
4 polymer scFV16
5 polymer 'C5a anaphylatoxin chemotactic receptor 1'
6 polymer 'BM213 peptide'
#
loop_
_entity_poly.entity_id
_entity_poly.type
_entity_poly.pdbx_seq_one_letter_code
_entity_poly.pdbx_strand_id
1 'polypeptide(L)'
;MGCTLSAEDKAAVERSKMIDRNLREDGEKAAREVKLLLLGAGESGKSTIVKQMKIIHEAGYSEEECKQYKAVVYSNTIQS
IIAIIRAMGRLKIDFGDSARADDARQLFVLAGAAEEGFMTAELAGVIKRLWKDSGVQACFNRSREYQLNDSAAYYLNDLD
RIAQPNYIPTQQDVLRTRVKTTGIVETHFTFKDLHFKMFDVGGQRSERKKWIHCFEGVTAIIFCVALSDYDLVLAEDEEM
NRMHESMKLFDSICNNKWFTDTSIILFLNKKDLFEEKIKKSPLTICYPEYAGSNTYEEAAAYIQCQFEDLNKRKDTKEIY
THFTCATDTKNVQFVFDAVTDVIIKNNLKDCGLF
;
A
2 'polypeptide(L)'
;MHHHHLEVLFQGPGSSGSELDQLRQEAEQLKNQIRDARKACADATLSQITNNIDPVGRIQMRTRRTLRGHLAKIYAMHWG
TDSRLLVSASQDGKLIIWDSYTTNKVHAIPLRSSWVMTCAYAPSGNYVACGGLDNICSIYNLKTREGNVRVSRELAGHTG
YLSCCRFLDDNQIVTSSGDTTCALWDIETGQQTTTFTGHTGDVMSLSLAPDTRLFVSGACDASAKLWDVREGMCRQTFTG
HESDINAICFFPNGNAFATGSDDATCRLFDLRADQELMTYSHDNIICGITSVSFSKSGRLLLAGYDDFNCNVWDALKADR
AGVLAGHDNRVSCLGVTDDGMAVATGSWDSFLKIWN
;
B
3 'polypeptide(L)' MASNNTASIAQARKLVEQLKMEANIDRIKVSKAAADLMAYCEAHAKEDPLLTPVPASENPFREKKFFCAIL C
4 'polypeptide(L)'
;MDVQLVESGGGLVQPGGSRKLSCSASGFAFSSFGMHWVRQAPEKGLEWVAYISSGSGTIYYADTVKGRFTISRDDPKNTL
FLQMTSLRSEDTAMYYCVRSIYYYGSSPFDFWGQGTTLTVSSGGGGSGGGGSGGGGSDIVMTQATSSVPVTPGESVSISC
RSSKSLLHSNGNTYLYWFLQRPGQSPQLLIYRMSNLASGVPDRFSGSGSGTAFTLTISRLEAEDVGVYYCMQHLEYPLTF
GAGTKLELKAAAENLYFQGHHHHHHHH
;
S
5 'polypeptide(L)'
;MDSFNYTTPDYGHYDDKDTLDLNTPVDKTSNTLRVPDILALVIFAVVFLVGVLGNALVVWVTAFEAKRTINAIWFLNLAV
ADFLSCLALPILFTSIVQHHHWPFGGAACSILPSLILLNMYASILLLATISADRFLLVFKPIWCQNFRGAGLAWIACAVA
WGLALLLTIPSFLYRVVREEYFPPKVLCGVDYSHDKRRERAVAIVRLVLGFLWPLLTLTICYTFILLRTWSRRATRSTKT
LKVVVAVVASFFIFWLPYQVTGIMMSFLEPSSPTFLLLKKLDSLCVSFAYINCCINPIIYVVAGQGFQGRLRKSLPSLLR
NVLTEESVVRHHHHHHHHH
;
D
6 'polypeptide(L)' (ACE)FKPLAA(DAL)R E
#
# COMPACT_ATOMS: atom_id res chain seq x y z
N THR A 4 3.25 28.68 -6.24
CA THR A 4 2.74 28.24 -7.55
C THR A 4 1.36 27.62 -7.40
N LEU A 5 1.17 26.87 -6.31
CA LEU A 5 -0.10 26.22 -6.06
C LEU A 5 -1.18 27.24 -5.68
N SER A 6 -2.42 26.89 -5.96
CA SER A 6 -3.55 27.75 -5.66
C SER A 6 -3.85 27.72 -4.17
N ALA A 7 -4.92 28.43 -3.78
CA ALA A 7 -5.37 28.40 -2.40
C ALA A 7 -6.08 27.10 -2.04
N GLU A 8 -6.48 26.31 -3.03
CA GLU A 8 -7.14 25.03 -2.81
C GLU A 8 -6.22 23.84 -2.98
N ASP A 9 -5.17 23.98 -3.78
CA ASP A 9 -4.19 22.91 -3.93
C ASP A 9 -3.47 22.62 -2.62
N LYS A 10 -3.18 23.67 -1.83
CA LYS A 10 -2.54 23.46 -0.54
C LYS A 10 -3.44 22.65 0.39
N ALA A 11 -4.73 22.96 0.41
CA ALA A 11 -5.66 22.18 1.23
C ALA A 11 -5.80 20.75 0.71
N ALA A 12 -5.77 20.56 -0.61
CA ALA A 12 -5.80 19.20 -1.15
C ALA A 12 -4.58 18.40 -0.71
N VAL A 13 -3.39 19.03 -0.74
CA VAL A 13 -2.18 18.33 -0.33
C VAL A 13 -2.20 18.05 1.17
N GLU A 14 -2.77 18.96 1.95
CA GLU A 14 -2.94 18.71 3.39
C GLU A 14 -3.87 17.53 3.63
N ARG A 15 -4.97 17.45 2.87
CA ARG A 15 -5.86 16.29 2.95
C ARG A 15 -5.12 15.01 2.60
N SER A 16 -4.27 15.06 1.57
CA SER A 16 -3.48 13.90 1.20
C SER A 16 -2.54 13.48 2.34
N LYS A 17 -1.90 14.44 3.00
CA LYS A 17 -1.04 14.12 4.13
C LYS A 17 -1.83 13.47 5.26
N MET A 18 -3.03 13.99 5.55
CA MET A 18 -3.84 13.40 6.61
C MET A 18 -4.25 11.97 6.27
N ILE A 19 -4.62 11.74 5.00
CA ILE A 19 -4.96 10.37 4.59
C ILE A 19 -3.76 9.45 4.72
N ASP A 20 -2.57 9.93 4.32
CA ASP A 20 -1.38 9.11 4.45
C ASP A 20 -1.09 8.78 5.90
N ARG A 21 -1.24 9.76 6.80
CA ARG A 21 -1.01 9.53 8.21
C ARG A 21 -1.99 8.49 8.77
N ASN A 22 -3.27 8.61 8.40
CA ASN A 22 -4.25 7.63 8.87
C ASN A 22 -3.95 6.25 8.34
N LEU A 23 -3.55 6.15 7.07
CA LEU A 23 -3.22 4.85 6.48
C LEU A 23 -2.04 4.21 7.19
N ARG A 24 -1.00 5.00 7.47
CA ARG A 24 0.17 4.46 8.16
C ARG A 24 -0.18 4.05 9.59
N GLU A 25 -1.01 4.84 10.27
CA GLU A 25 -1.42 4.48 11.63
C GLU A 25 -2.23 3.20 11.64
N ASP A 26 -3.12 3.02 10.66
CA ASP A 26 -3.93 1.80 10.61
C ASP A 26 -3.13 0.59 10.17
N GLY A 27 -2.08 0.79 9.36
CA GLY A 27 -1.27 -0.33 8.92
C GLY A 27 -0.35 -0.90 9.97
N GLU A 28 0.01 -0.11 10.99
CA GLU A 28 0.85 -0.59 12.08
C GLU A 28 0.08 -1.39 13.10
N LYS A 29 -1.25 -1.40 13.04
CA LYS A 29 -2.08 -2.16 13.97
C LYS A 29 -2.45 -3.54 13.43
N ALA A 30 -2.36 -3.75 12.11
CA ALA A 30 -2.65 -5.05 11.53
C ALA A 30 -1.51 -6.04 11.70
N ALA A 31 -0.29 -5.56 11.96
CA ALA A 31 0.83 -6.45 12.27
C ALA A 31 0.85 -6.89 13.71
N ARG A 32 -0.05 -6.36 14.54
CA ARG A 32 -0.20 -6.77 15.93
C ARG A 32 -1.00 -8.06 16.07
N GLU A 33 -1.28 -8.73 14.95
CA GLU A 33 -2.27 -9.79 14.89
C GLU A 33 -1.61 -11.05 14.33
N VAL A 34 -2.00 -12.21 14.85
CA VAL A 34 -1.42 -13.48 14.41
C VAL A 34 -2.47 -14.23 13.60
N LYS A 35 -2.13 -14.55 12.35
CA LYS A 35 -3.08 -15.10 11.38
C LYS A 35 -2.89 -16.61 11.26
N LEU A 36 -4.00 -17.34 11.36
CA LEU A 36 -4.00 -18.80 11.24
C LEU A 36 -5.01 -19.22 10.17
N LEU A 37 -4.62 -20.15 9.31
CA LEU A 37 -5.51 -20.70 8.29
C LEU A 37 -5.87 -22.12 8.65
N LEU A 38 -7.16 -22.46 8.57
CA LEU A 38 -7.64 -23.78 8.98
C LEU A 38 -8.13 -24.54 7.75
N LEU A 39 -7.71 -25.80 7.65
CA LEU A 39 -8.13 -26.68 6.56
C LEU A 39 -8.68 -27.97 7.16
N GLY A 40 -9.34 -28.76 6.31
CA GLY A 40 -9.96 -29.98 6.78
C GLY A 40 -10.59 -30.74 5.62
N ALA A 41 -11.44 -31.70 5.96
CA ALA A 41 -12.10 -32.52 4.97
C ALA A 41 -13.60 -32.68 5.27
N GLY A 42 -14.22 -31.65 5.83
CA GLY A 42 -15.64 -31.67 6.08
C GLY A 42 -16.02 -32.32 7.39
N GLU A 43 -15.89 -33.64 7.47
CA GLU A 43 -16.23 -34.41 8.66
C GLU A 43 -14.99 -34.75 9.50
N SER A 44 -14.02 -33.86 9.53
CA SER A 44 -12.76 -34.11 10.22
C SER A 44 -12.69 -33.46 11.60
N GLY A 45 -13.81 -33.00 12.13
CA GLY A 45 -13.80 -32.36 13.44
C GLY A 45 -13.41 -30.91 13.43
N LYS A 46 -13.75 -30.18 12.37
CA LYS A 46 -13.45 -28.75 12.33
C LYS A 46 -14.29 -27.99 13.33
N SER A 47 -15.61 -28.24 13.36
CA SER A 47 -16.50 -27.46 14.20
C SER A 47 -16.15 -27.58 15.67
N THR A 48 -15.72 -28.76 16.10
CA THR A 48 -15.42 -28.95 17.51
C THR A 48 -14.22 -28.11 17.94
N ILE A 49 -13.18 -28.02 17.11
CA ILE A 49 -12.04 -27.19 17.51
C ILE A 49 -12.40 -25.71 17.41
N VAL A 50 -13.22 -25.33 16.42
CA VAL A 50 -13.65 -23.93 16.34
C VAL A 50 -14.40 -23.53 17.60
N LYS A 51 -15.29 -24.40 18.08
CA LYS A 51 -16.04 -24.09 19.29
C LYS A 51 -15.25 -24.34 20.56
N GLN A 52 -14.11 -25.03 20.48
CA GLN A 52 -13.31 -25.32 21.65
C GLN A 52 -12.23 -24.27 21.93
N MET A 53 -11.49 -23.84 20.90
CA MET A 53 -10.37 -22.95 21.14
C MET A 53 -10.79 -21.48 21.27
N LYS A 54 -12.06 -21.17 21.13
CA LYS A 54 -12.52 -19.79 21.29
C LYS A 54 -12.63 -19.42 22.76
N GLY A 183 -19.23 -18.04 2.53
CA GLY A 183 -18.01 -17.93 1.75
C GLY A 183 -16.76 -18.16 2.57
N ILE A 184 -16.48 -17.24 3.48
CA ILE A 184 -15.32 -17.33 4.36
C ILE A 184 -15.76 -16.98 5.77
N VAL A 185 -15.20 -17.68 6.75
CA VAL A 185 -15.53 -17.49 8.16
C VAL A 185 -14.29 -16.98 8.88
N GLU A 186 -14.44 -15.90 9.64
CA GLU A 186 -13.33 -15.30 10.37
C GLU A 186 -13.65 -15.28 11.86
N THR A 187 -12.69 -15.69 12.67
CA THR A 187 -12.86 -15.78 14.11
C THR A 187 -11.74 -15.04 14.82
N HIS A 188 -12.08 -14.39 15.92
CA HIS A 188 -11.12 -13.63 16.72
C HIS A 188 -11.14 -14.14 18.16
N PHE A 189 -9.95 -14.32 18.74
CA PHE A 189 -9.85 -14.69 20.15
C PHE A 189 -8.49 -14.30 20.68
N THR A 190 -8.42 -14.09 21.99
CA THR A 190 -7.22 -13.62 22.66
C THR A 190 -6.78 -14.63 23.71
N PHE A 191 -5.47 -14.87 23.77
CA PHE A 191 -4.90 -15.81 24.74
C PHE A 191 -3.55 -15.27 25.18
N LYS A 192 -3.42 -14.98 26.48
CA LYS A 192 -2.17 -14.54 27.10
C LYS A 192 -1.54 -13.39 26.31
N ASP A 193 -2.34 -12.33 26.13
CA ASP A 193 -1.95 -11.09 25.46
C ASP A 193 -1.59 -11.30 23.99
N LEU A 194 -2.01 -12.41 23.39
CA LEU A 194 -1.78 -12.67 21.97
C LEU A 194 -3.11 -12.77 21.25
N HIS A 195 -3.26 -12.02 20.16
CA HIS A 195 -4.51 -11.92 19.42
C HIS A 195 -4.44 -12.76 18.16
N PHE A 196 -5.46 -13.61 17.95
CA PHE A 196 -5.47 -14.57 16.86
C PHE A 196 -6.62 -14.27 15.90
N LYS A 197 -6.35 -14.47 14.61
CA LYS A 197 -7.32 -14.26 13.55
C LYS A 197 -7.36 -15.53 12.72
N MET A 198 -8.47 -16.26 12.82
CA MET A 198 -8.59 -17.61 12.28
C MET A 198 -9.49 -17.60 11.08
N PHE A 199 -9.02 -18.18 9.97
CA PHE A 199 -9.75 -18.21 8.71
C PHE A 199 -10.18 -19.64 8.39
N ASP A 200 -11.49 -19.84 8.25
CA ASP A 200 -12.07 -21.11 7.82
C ASP A 200 -12.64 -20.88 6.43
N VAL A 201 -12.22 -21.69 5.47
CA VAL A 201 -12.61 -21.51 4.08
C VAL A 201 -13.14 -22.84 3.54
N GLY A 202 -13.67 -23.67 4.45
CA GLY A 202 -14.19 -24.97 4.04
C GLY A 202 -15.51 -24.94 3.30
N GLY A 203 -16.17 -23.79 3.26
CA GLY A 203 -17.45 -23.67 2.58
C GLY A 203 -17.35 -23.06 1.19
N GLN A 204 -16.14 -23.08 0.61
CA GLN A 204 -15.94 -22.45 -0.69
C GLN A 204 -16.50 -23.32 -1.82
N ARG A 205 -16.03 -24.57 -1.91
CA ARG A 205 -16.44 -25.52 -2.93
C ARG A 205 -16.17 -24.97 -4.34
N SER A 206 -14.89 -24.71 -4.60
CA SER A 206 -14.44 -24.23 -5.90
C SER A 206 -13.06 -24.81 -6.17
N GLU A 207 -12.43 -24.37 -7.25
CA GLU A 207 -11.08 -24.82 -7.58
C GLU A 207 -10.08 -24.18 -6.63
N ARG A 208 -9.23 -25.01 -6.02
CA ARG A 208 -8.40 -24.54 -4.92
C ARG A 208 -7.22 -23.70 -5.40
N LYS A 209 -6.66 -24.02 -6.56
CA LYS A 209 -5.46 -23.34 -7.02
C LYS A 209 -5.74 -22.00 -7.69
N LYS A 210 -6.94 -21.45 -7.49
CA LYS A 210 -7.26 -20.11 -7.97
C LYS A 210 -7.46 -19.10 -6.85
N TRP A 211 -7.49 -19.54 -5.59
CA TRP A 211 -7.59 -18.62 -4.47
C TRP A 211 -6.68 -19.00 -3.31
N ILE A 212 -5.75 -19.93 -3.50
CA ILE A 212 -4.89 -20.37 -2.42
C ILE A 212 -3.67 -19.48 -2.23
N HIS A 213 -3.31 -18.67 -3.23
CA HIS A 213 -2.16 -17.77 -3.10
C HIS A 213 -2.48 -16.55 -2.25
N CYS A 214 -3.75 -16.33 -1.90
CA CYS A 214 -4.09 -15.22 -1.02
C CYS A 214 -3.49 -15.40 0.36
N PHE A 215 -3.49 -16.62 0.88
CA PHE A 215 -2.91 -16.93 2.19
C PHE A 215 -1.45 -17.32 2.07
N GLU A 216 -0.66 -16.48 1.39
CA GLU A 216 0.75 -16.78 1.18
C GLU A 216 1.58 -16.53 2.43
N GLY A 217 1.22 -15.53 3.22
CA GLY A 217 2.03 -15.15 4.36
C GLY A 217 1.36 -15.36 5.71
N VAL A 218 0.67 -16.48 5.85
CA VAL A 218 0.02 -16.81 7.12
C VAL A 218 1.05 -17.42 8.07
N THR A 219 0.79 -17.28 9.37
CA THR A 219 1.73 -17.80 10.36
C THR A 219 1.71 -19.32 10.40
N ALA A 220 0.53 -19.93 10.42
CA ALA A 220 0.44 -21.38 10.56
C ALA A 220 -0.84 -21.90 9.93
N ILE A 221 -0.81 -23.20 9.62
CA ILE A 221 -1.94 -23.92 9.06
C ILE A 221 -2.37 -25.00 10.04
N ILE A 222 -3.63 -24.96 10.44
CA ILE A 222 -4.22 -25.98 11.32
C ILE A 222 -4.93 -26.99 10.44
N PHE A 223 -4.46 -28.24 10.49
CA PHE A 223 -5.00 -29.33 9.70
C PHE A 223 -5.72 -30.30 10.63
N CYS A 224 -6.84 -30.85 10.16
CA CYS A 224 -7.62 -31.80 10.94
C CYS A 224 -7.78 -33.10 10.15
N VAL A 225 -7.51 -34.22 10.80
CA VAL A 225 -7.76 -35.53 10.24
C VAL A 225 -8.58 -36.34 11.23
N ALA A 226 -9.67 -36.94 10.77
CA ALA A 226 -10.46 -37.85 11.59
C ALA A 226 -9.95 -39.26 11.33
N LEU A 227 -9.21 -39.80 12.29
CA LEU A 227 -8.68 -41.15 12.19
C LEU A 227 -9.68 -42.20 12.66
N SER A 228 -10.88 -41.79 13.04
CA SER A 228 -11.99 -42.70 13.29
C SER A 228 -12.77 -43.01 12.02
N ASP A 229 -12.16 -42.82 10.85
CA ASP A 229 -12.83 -43.03 9.57
C ASP A 229 -12.01 -43.91 8.63
N TYR A 230 -11.23 -44.84 9.20
CA TYR A 230 -10.44 -45.74 8.37
C TYR A 230 -11.29 -46.79 7.68
N ASP A 231 -12.45 -47.11 8.25
CA ASP A 231 -13.33 -48.14 7.69
C ASP A 231 -14.38 -47.56 6.76
N LEU A 232 -14.77 -46.30 6.96
CA LEU A 232 -15.81 -45.69 6.14
C LEU A 232 -15.34 -45.52 4.70
N VAL A 233 -16.30 -45.50 3.78
CA VAL A 233 -16.03 -45.36 2.36
C VAL A 233 -16.71 -44.09 1.86
N LEU A 234 -16.19 -43.56 0.75
CA LEU A 234 -16.73 -42.33 0.18
C LEU A 234 -18.12 -42.57 -0.42
N ALA A 235 -18.93 -41.50 -0.41
CA ALA A 235 -20.27 -41.60 -0.97
C ALA A 235 -20.23 -41.72 -2.49
N GLU A 236 -19.35 -40.97 -3.15
CA GLU A 236 -19.29 -40.97 -4.60
C GLU A 236 -18.82 -42.33 -5.14
N ASP A 237 -17.77 -42.90 -4.55
CA ASP A 237 -17.22 -44.16 -4.99
C ASP A 237 -17.02 -45.07 -3.78
N GLU A 238 -17.37 -46.35 -3.95
CA GLU A 238 -17.21 -47.32 -2.89
C GLU A 238 -15.81 -47.91 -2.83
N GLU A 239 -14.93 -47.56 -3.76
CA GLU A 239 -13.58 -48.11 -3.79
C GLU A 239 -12.62 -47.29 -2.95
N MET A 240 -12.77 -45.97 -2.92
CA MET A 240 -11.89 -45.08 -2.18
C MET A 240 -12.48 -44.73 -0.83
N ASN A 241 -11.62 -44.70 0.19
CA ASN A 241 -12.04 -44.38 1.55
C ASN A 241 -11.63 -42.96 1.92
N ARG A 242 -12.10 -42.52 3.09
CA ARG A 242 -11.90 -41.13 3.50
C ARG A 242 -10.47 -40.87 3.93
N MET A 243 -9.80 -41.86 4.52
CA MET A 243 -8.43 -41.66 5.00
C MET A 243 -7.49 -41.38 3.84
N HIS A 244 -7.65 -42.09 2.72
CA HIS A 244 -6.80 -41.83 1.56
C HIS A 244 -7.08 -40.46 0.97
N GLU A 245 -8.34 -40.01 0.99
CA GLU A 245 -8.65 -38.67 0.53
C GLU A 245 -7.98 -37.62 1.40
N SER A 246 -8.02 -37.82 2.73
CA SER A 246 -7.35 -36.89 3.63
C SER A 246 -5.84 -36.89 3.40
N MET A 247 -5.26 -38.06 3.16
CA MET A 247 -3.83 -38.13 2.88
C MET A 247 -3.48 -37.39 1.59
N LYS A 248 -4.30 -37.55 0.55
CA LYS A 248 -4.06 -36.84 -0.70
C LYS A 248 -4.14 -35.34 -0.51
N LEU A 249 -5.15 -34.87 0.23
CA LEU A 249 -5.28 -33.43 0.43
C LEU A 249 -4.13 -32.88 1.27
N PHE A 250 -3.70 -33.64 2.28
CA PHE A 250 -2.54 -33.25 3.08
C PHE A 250 -1.29 -33.18 2.23
N ASP A 251 -1.09 -34.15 1.34
CA ASP A 251 0.06 -34.11 0.45
C ASP A 251 0.01 -32.89 -0.47
N SER A 252 -1.19 -32.56 -0.95
CA SER A 252 -1.32 -31.37 -1.80
C SER A 252 -0.97 -30.10 -1.04
N ILE A 253 -1.47 -29.96 0.19
CA ILE A 253 -1.23 -28.73 0.96
C ILE A 253 0.23 -28.63 1.39
N CYS A 254 0.81 -29.73 1.88
CA CYS A 254 2.14 -29.66 2.49
C CYS A 254 3.21 -29.28 1.49
N ASN A 255 3.18 -29.89 0.30
CA ASN A 255 4.21 -29.68 -0.70
C ASN A 255 3.86 -28.57 -1.68
N ASN A 256 3.01 -27.62 -1.27
CA ASN A 256 2.64 -26.52 -2.15
C ASN A 256 3.81 -25.55 -2.29
N LYS A 257 3.79 -24.80 -3.39
CA LYS A 257 4.85 -23.83 -3.66
C LYS A 257 4.68 -22.54 -2.88
N TRP A 258 3.49 -22.27 -2.35
CA TRP A 258 3.24 -21.08 -1.56
C TRP A 258 3.43 -21.30 -0.06
N PHE A 259 3.75 -22.51 0.37
CA PHE A 259 3.89 -22.85 1.77
C PHE A 259 5.21 -23.59 2.00
N THR A 260 6.30 -23.04 1.45
CA THR A 260 7.61 -23.68 1.60
C THR A 260 8.07 -23.64 3.05
N ASP A 261 7.85 -22.53 3.74
CA ASP A 261 8.34 -22.33 5.10
C ASP A 261 7.16 -21.93 6.01
N THR A 262 6.09 -22.72 5.96
CA THR A 262 4.90 -22.47 6.76
C THR A 262 4.68 -23.66 7.69
N SER A 263 4.51 -23.38 8.97
CA SER A 263 4.31 -24.44 9.95
C SER A 263 2.90 -25.03 9.85
N ILE A 264 2.82 -26.33 10.12
CA ILE A 264 1.56 -27.08 10.07
C ILE A 264 1.34 -27.74 11.41
N ILE A 265 0.17 -27.51 12.00
CA ILE A 265 -0.24 -28.14 13.25
C ILE A 265 -1.32 -29.15 12.91
N LEU A 266 -1.03 -30.43 13.13
CA LEU A 266 -1.89 -31.53 12.71
C LEU A 266 -2.66 -32.05 13.91
N PHE A 267 -3.98 -31.91 13.88
CA PHE A 267 -4.87 -32.44 14.90
C PHE A 267 -5.47 -33.74 14.39
N LEU A 268 -5.40 -34.78 15.23
CA LEU A 268 -6.04 -36.05 14.95
C LEU A 268 -7.23 -36.19 15.89
N ASN A 269 -8.43 -36.36 15.33
CA ASN A 269 -9.65 -36.22 16.08
C ASN A 269 -10.34 -37.56 16.31
N LYS A 270 -11.17 -37.59 17.35
CA LYS A 270 -12.03 -38.74 17.68
C LYS A 270 -11.20 -40.00 17.94
N LYS A 271 -10.42 -39.95 19.03
CA LYS A 271 -9.60 -41.10 19.41
C LYS A 271 -10.37 -42.12 20.25
N ASP A 272 -11.36 -41.68 21.03
CA ASP A 272 -12.13 -42.63 21.84
C ASP A 272 -12.97 -43.54 20.97
N LEU A 273 -13.67 -42.96 19.99
CA LEU A 273 -14.42 -43.77 19.03
C LEU A 273 -13.49 -44.71 18.27
N PHE A 274 -12.27 -44.26 17.96
CA PHE A 274 -11.31 -45.11 17.27
C PHE A 274 -10.90 -46.29 18.14
N GLU A 275 -10.63 -46.04 19.42
CA GLU A 275 -10.22 -47.12 20.31
C GLU A 275 -11.37 -48.09 20.55
N GLU A 276 -12.61 -47.61 20.51
CA GLU A 276 -13.75 -48.49 20.62
C GLU A 276 -13.94 -49.32 19.35
N LYS A 277 -13.70 -48.70 18.18
CA LYS A 277 -13.92 -49.39 16.91
C LYS A 277 -12.81 -50.38 16.59
N ILE A 278 -11.60 -50.14 17.08
CA ILE A 278 -10.45 -50.94 16.65
C ILE A 278 -10.55 -52.38 17.13
N LYS A 279 -11.25 -52.62 18.24
CA LYS A 279 -11.35 -53.99 18.75
C LYS A 279 -12.35 -54.82 17.95
N LYS A 280 -13.44 -54.20 17.49
CA LYS A 280 -14.44 -54.95 16.73
C LYS A 280 -13.95 -55.27 15.33
N SER A 281 -13.28 -54.32 14.68
CA SER A 281 -12.83 -54.50 13.30
C SER A 281 -11.35 -54.23 13.19
N PRO A 282 -10.63 -55.00 12.38
CA PRO A 282 -9.19 -54.77 12.21
C PRO A 282 -8.91 -53.53 11.39
N LEU A 283 -7.66 -53.07 11.47
CA LEU A 283 -7.20 -51.90 10.74
C LEU A 283 -6.48 -52.27 9.45
N THR A 284 -6.53 -53.54 9.05
CA THR A 284 -5.90 -53.99 7.81
C THR A 284 -6.62 -53.45 6.58
N ILE A 285 -7.90 -53.10 6.69
CA ILE A 285 -8.64 -52.60 5.53
C ILE A 285 -8.01 -51.31 5.00
N CYS A 286 -7.68 -50.39 5.91
CA CYS A 286 -7.04 -49.15 5.48
C CYS A 286 -5.60 -49.38 5.07
N TYR A 287 -4.86 -50.17 5.84
CA TYR A 287 -3.44 -50.44 5.57
C TYR A 287 -3.22 -51.95 5.52
N PRO A 288 -3.29 -52.54 4.32
CA PRO A 288 -3.03 -53.98 4.18
C PRO A 288 -1.57 -54.38 4.30
N GLU A 289 -0.65 -53.42 4.50
CA GLU A 289 0.76 -53.71 4.69
C GLU A 289 1.20 -53.53 6.13
N TYR A 290 0.27 -53.60 7.07
CA TYR A 290 0.55 -53.35 8.48
C TYR A 290 0.52 -54.66 9.26
N ALA A 291 1.57 -54.91 10.02
CA ALA A 291 1.66 -56.05 10.93
C ALA A 291 2.00 -55.50 12.32
N GLY A 292 1.06 -55.59 13.24
CA GLY A 292 1.27 -55.03 14.57
C GLY A 292 0.39 -55.73 15.60
N SER A 293 0.49 -55.23 16.83
CA SER A 293 -0.24 -55.80 17.95
C SER A 293 -1.75 -55.57 17.86
N ASN A 294 -2.21 -54.73 16.93
CA ASN A 294 -3.63 -54.41 16.78
C ASN A 294 -4.20 -53.83 18.07
N THR A 295 -3.44 -52.92 18.69
CA THR A 295 -3.86 -52.20 19.87
C THR A 295 -3.99 -50.72 19.56
N TYR A 296 -4.38 -49.93 20.56
CA TYR A 296 -4.61 -48.51 20.34
C TYR A 296 -3.31 -47.76 20.11
N GLU A 297 -2.30 -47.99 20.95
CA GLU A 297 -1.07 -47.21 20.87
C GLU A 297 -0.32 -47.49 19.57
N GLU A 298 -0.20 -48.76 19.19
CA GLU A 298 0.51 -49.10 17.96
C GLU A 298 -0.19 -48.53 16.74
N ALA A 299 -1.52 -48.62 16.70
CA ALA A 299 -2.27 -48.10 15.57
C ALA A 299 -2.12 -46.58 15.47
N ALA A 300 -2.22 -45.88 16.61
CA ALA A 300 -2.08 -44.44 16.59
C ALA A 300 -0.68 -44.02 16.15
N ALA A 301 0.35 -44.71 16.65
CA ALA A 301 1.72 -44.39 16.25
C ALA A 301 1.93 -44.65 14.77
N TYR A 302 1.38 -45.75 14.25
CA TYR A 302 1.51 -46.04 12.83
C TYR A 302 0.83 -44.98 11.98
N ILE A 303 -0.38 -44.55 12.37
CA ILE A 303 -1.08 -43.53 11.61
C ILE A 303 -0.29 -42.22 11.61
N GLN A 304 0.23 -41.85 12.78
CA GLN A 304 1.00 -40.61 12.89
C GLN A 304 2.26 -40.67 12.04
N CYS A 305 2.98 -41.80 12.09
CA CYS A 305 4.19 -41.92 11.28
C CYS A 305 3.87 -41.86 9.80
N GLN A 306 2.80 -42.55 9.37
CA GLN A 306 2.42 -42.54 7.96
C GLN A 306 2.07 -41.13 7.50
N PHE A 307 1.43 -40.35 8.36
CA PHE A 307 1.11 -38.97 8.00
C PHE A 307 2.39 -38.12 7.93
N GLU A 308 3.31 -38.33 8.87
CA GLU A 308 4.49 -37.47 8.92
C GLU A 308 5.51 -37.81 7.83
N ASP A 309 5.51 -39.01 7.28
CA ASP A 309 6.46 -39.27 6.19
C ASP A 309 6.06 -38.58 4.89
N LEU A 310 4.88 -37.96 4.82
CA LEU A 310 4.45 -37.30 3.60
C LEU A 310 5.23 -36.01 3.34
N ASN A 311 5.84 -35.42 4.38
CA ASN A 311 6.65 -34.23 4.19
C ASN A 311 7.88 -34.56 3.35
N LYS A 312 8.29 -33.61 2.52
CA LYS A 312 9.45 -33.79 1.64
C LYS A 312 10.54 -32.74 1.85
N ARG A 313 10.41 -31.89 2.87
CA ARG A 313 11.43 -30.91 3.18
C ARG A 313 12.23 -31.29 4.43
N LYS A 314 11.54 -31.46 5.56
CA LYS A 314 12.12 -31.99 6.79
C LYS A 314 13.21 -31.10 7.40
N ASP A 315 13.55 -30.01 6.71
CA ASP A 315 14.55 -29.08 7.22
C ASP A 315 14.00 -27.66 7.36
N THR A 316 13.34 -27.14 6.32
CA THR A 316 12.76 -25.81 6.38
C THR A 316 11.44 -25.79 7.17
N LYS A 317 10.66 -26.86 7.09
CA LYS A 317 9.33 -26.91 7.65
C LYS A 317 9.31 -27.83 8.87
N GLU A 318 8.48 -27.47 9.85
CA GLU A 318 8.28 -28.26 11.05
C GLU A 318 6.81 -28.64 11.18
N ILE A 319 6.55 -29.89 11.54
CA ILE A 319 5.20 -30.43 11.65
C ILE A 319 4.97 -30.86 13.08
N TYR A 320 3.84 -30.42 13.64
CA TYR A 320 3.46 -30.74 15.02
C TYR A 320 2.20 -31.59 15.00
N THR A 321 2.21 -32.69 15.75
CA THR A 321 1.09 -33.61 15.80
C THR A 321 0.57 -33.71 17.22
N HIS A 322 -0.74 -33.85 17.36
CA HIS A 322 -1.37 -33.90 18.67
C HIS A 322 -2.65 -34.73 18.57
N PHE A 323 -2.95 -35.45 19.65
CA PHE A 323 -4.15 -36.28 19.72
C PHE A 323 -5.18 -35.59 20.60
N THR A 324 -6.36 -35.36 20.04
CA THR A 324 -7.43 -34.66 20.73
C THR A 324 -8.73 -35.42 20.62
N CYS A 325 -9.55 -35.32 21.66
CA CYS A 325 -10.88 -35.92 21.72
C CYS A 325 -11.92 -34.81 21.90
N ALA A 326 -13.16 -35.22 22.19
CA ALA A 326 -14.25 -34.26 22.29
C ALA A 326 -14.01 -33.26 23.42
N THR A 327 -13.55 -33.73 24.57
CA THR A 327 -13.32 -32.87 25.73
C THR A 327 -11.83 -32.78 26.03
N ASP A 328 -11.28 -31.58 25.88
CA ASP A 328 -9.90 -31.26 26.19
C ASP A 328 -9.83 -29.84 26.72
N THR A 329 -8.68 -29.48 27.29
CA THR A 329 -8.46 -28.12 27.78
C THR A 329 -7.06 -27.60 27.46
N LYS A 330 -6.31 -28.25 26.57
CA LYS A 330 -4.90 -27.95 26.38
C LYS A 330 -4.57 -27.59 24.94
N ASN A 331 -5.57 -27.55 24.05
CA ASN A 331 -5.30 -27.27 22.64
C ASN A 331 -4.79 -25.84 22.45
N VAL A 332 -5.36 -24.88 23.18
CA VAL A 332 -4.93 -23.50 23.08
C VAL A 332 -3.47 -23.35 23.49
N GLN A 333 -3.05 -24.10 24.51
CA GLN A 333 -1.65 -24.06 24.91
C GLN A 333 -0.74 -24.61 23.82
N PHE A 334 -1.17 -25.67 23.13
CA PHE A 334 -0.39 -26.23 22.04
C PHE A 334 -0.20 -25.22 20.91
N VAL A 335 -1.30 -24.60 20.47
CA VAL A 335 -1.18 -23.63 19.38
C VAL A 335 -0.39 -22.41 19.85
N PHE A 336 -0.50 -22.03 21.12
CA PHE A 336 0.25 -20.91 21.66
C PHE A 336 1.74 -21.19 21.61
N ASP A 337 2.16 -22.39 22.03
CA ASP A 337 3.57 -22.74 21.97
C ASP A 337 4.08 -22.75 20.53
N ALA A 338 3.28 -23.33 19.61
CA ALA A 338 3.69 -23.36 18.22
C ALA A 338 3.89 -21.96 17.65
N VAL A 339 2.93 -21.07 17.89
CA VAL A 339 3.03 -19.72 17.33
C VAL A 339 4.14 -18.94 18.01
N THR A 340 4.41 -19.20 19.28
CA THR A 340 5.55 -18.54 19.94
C THR A 340 6.86 -18.96 19.29
N ASP A 341 7.00 -20.26 19.00
CA ASP A 341 8.20 -20.71 18.30
C ASP A 341 8.33 -20.07 16.92
N VAL A 342 7.22 -19.99 16.19
CA VAL A 342 7.26 -19.38 14.86
C VAL A 342 7.64 -17.90 14.95
N ILE A 343 7.10 -17.19 15.94
CA ILE A 343 7.41 -15.77 16.12
C ILE A 343 8.89 -15.58 16.43
N ILE A 344 9.43 -16.42 17.32
CA ILE A 344 10.84 -16.31 17.67
C ILE A 344 11.72 -16.58 16.45
N LYS A 345 11.36 -17.59 15.66
CA LYS A 345 12.13 -17.89 14.46
C LYS A 345 12.10 -16.73 13.46
N ASN A 346 10.92 -16.12 13.27
CA ASN A 346 10.82 -14.99 12.36
C ASN A 346 11.64 -13.81 12.87
N ASN A 347 11.60 -13.55 14.17
CA ASN A 347 12.39 -12.45 14.72
C ASN A 347 13.88 -12.69 14.54
N LEU A 348 14.33 -13.94 14.73
CA LEU A 348 15.74 -14.27 14.48
C LEU A 348 16.09 -14.05 13.01
N LYS A 349 15.21 -14.47 12.10
CA LYS A 349 15.50 -14.35 10.68
C LYS A 349 15.54 -12.89 10.24
N ASP A 350 14.70 -12.03 10.84
CA ASP A 350 14.65 -10.64 10.43
C ASP A 350 15.98 -9.92 10.72
N CYS A 351 16.58 -10.20 11.87
CA CYS A 351 17.79 -9.49 12.30
C CYS A 351 19.06 -10.03 11.67
N GLY A 352 18.99 -11.10 10.87
CA GLY A 352 20.16 -11.69 10.29
C GLY A 352 20.97 -12.56 11.23
N LEU A 353 20.42 -12.89 12.40
CA LEU A 353 21.10 -13.72 13.39
C LEU A 353 20.78 -15.20 13.21
N PHE A 354 20.01 -15.55 12.18
CA PHE A 354 19.63 -16.94 11.93
C PHE A 354 20.20 -17.41 10.60
N GLY B 17 -27.97 -45.17 -21.34
CA GLY B 17 -28.92 -46.00 -22.07
C GLY B 17 -28.88 -45.78 -23.57
N SER B 18 -29.83 -46.41 -24.28
CA SER B 18 -29.89 -46.25 -25.73
C SER B 18 -30.19 -44.82 -26.11
N GLU B 19 -31.12 -44.16 -25.41
CA GLU B 19 -31.43 -42.77 -25.68
C GLU B 19 -30.21 -41.88 -25.43
N LEU B 20 -29.49 -42.14 -24.34
CA LEU B 20 -28.29 -41.37 -24.05
C LEU B 20 -27.25 -41.56 -25.14
N ASP B 21 -27.06 -42.79 -25.61
CA ASP B 21 -26.08 -43.03 -26.67
C ASP B 21 -26.48 -42.34 -27.97
N GLN B 22 -27.76 -42.40 -28.33
CA GLN B 22 -28.19 -41.75 -29.57
C GLN B 22 -28.08 -40.24 -29.48
N LEU B 23 -28.37 -39.66 -28.31
CA LEU B 23 -28.23 -38.23 -28.14
C LEU B 23 -26.76 -37.81 -28.14
N ARG B 24 -25.89 -38.64 -27.58
CA ARG B 24 -24.46 -38.36 -27.65
C ARG B 24 -23.97 -38.41 -29.09
N GLN B 25 -24.44 -39.38 -29.86
CA GLN B 25 -24.08 -39.44 -31.28
C GLN B 25 -24.59 -38.20 -32.03
N GLU B 26 -25.81 -37.76 -31.70
CA GLU B 26 -26.34 -36.55 -32.32
C GLU B 26 -25.48 -35.33 -31.98
N ALA B 27 -25.08 -35.20 -30.72
CA ALA B 27 -24.22 -34.10 -30.33
C ALA B 27 -22.89 -34.17 -31.06
N GLU B 28 -22.33 -35.37 -31.20
CA GLU B 28 -21.07 -35.54 -31.91
C GLU B 28 -21.20 -35.11 -33.36
N GLN B 29 -22.31 -35.46 -34.02
CA GLN B 29 -22.42 -35.11 -35.43
C GLN B 29 -22.76 -33.62 -35.62
N LEU B 30 -23.44 -32.99 -34.65
CA LEU B 30 -23.50 -31.52 -34.66
C LEU B 30 -22.12 -30.91 -34.53
N LYS B 31 -21.28 -31.47 -33.64
CA LYS B 31 -19.93 -30.95 -33.50
C LYS B 31 -19.15 -31.08 -34.80
N ASN B 32 -19.29 -32.22 -35.48
CA ASN B 32 -18.64 -32.40 -36.77
C ASN B 32 -19.14 -31.39 -37.79
N GLN B 33 -20.46 -31.15 -37.82
CA GLN B 33 -21.02 -30.18 -38.75
C GLN B 33 -20.49 -28.78 -38.48
N ILE B 34 -20.42 -28.39 -37.20
CA ILE B 34 -19.91 -27.06 -36.85
C ILE B 34 -18.45 -26.93 -37.23
N ARG B 35 -17.65 -27.98 -36.99
CA ARG B 35 -16.25 -27.94 -37.38
C ARG B 35 -16.10 -27.81 -38.89
N ASP B 36 -16.92 -28.54 -39.65
CA ASP B 36 -16.86 -28.43 -41.11
C ASP B 36 -17.25 -27.03 -41.57
N ALA B 37 -18.30 -26.46 -40.97
CA ALA B 37 -18.71 -25.12 -41.34
C ALA B 37 -17.63 -24.09 -41.03
N ARG B 38 -16.97 -24.24 -39.87
CA ARG B 38 -15.89 -23.32 -39.53
C ARG B 38 -14.71 -23.47 -40.49
N LYS B 39 -14.37 -24.70 -40.86
CA LYS B 39 -13.27 -24.93 -41.78
C LYS B 39 -13.59 -24.43 -43.19
N ALA B 40 -14.87 -24.44 -43.59
CA ALA B 40 -15.22 -24.02 -44.94
C ALA B 40 -14.98 -22.54 -45.16
N CYS B 41 -15.24 -21.72 -44.14
CA CYS B 41 -15.19 -20.26 -44.29
C CYS B 41 -13.79 -19.69 -44.12
N ALA B 42 -12.78 -20.52 -43.84
CA ALA B 42 -11.41 -20.05 -43.65
C ALA B 42 -10.69 -20.11 -45.00
N ASP B 43 -10.59 -18.96 -45.66
CA ASP B 43 -9.94 -18.90 -46.97
C ASP B 43 -8.46 -18.53 -46.87
N ALA B 44 -8.11 -17.60 -45.98
CA ALA B 44 -6.74 -17.17 -45.82
C ALA B 44 -6.47 -16.88 -44.36
N THR B 45 -5.19 -16.72 -44.02
CA THR B 45 -4.78 -16.39 -42.67
C THR B 45 -4.35 -14.93 -42.59
N LEU B 46 -4.38 -14.38 -41.37
CA LEU B 46 -4.06 -12.98 -41.16
C LEU B 46 -2.60 -12.67 -41.52
N SER B 47 -1.71 -13.65 -41.47
CA SER B 47 -0.30 -13.40 -41.70
C SER B 47 -0.05 -12.89 -43.13
N GLN B 48 -0.68 -13.50 -44.12
CA GLN B 48 -0.46 -13.09 -45.50
C GLN B 48 -1.00 -11.69 -45.77
N ILE B 49 -2.16 -11.36 -45.19
CA ILE B 49 -2.76 -10.06 -45.43
C ILE B 49 -1.92 -8.94 -44.84
N THR B 50 -1.35 -9.16 -43.67
CA THR B 50 -0.62 -8.15 -42.93
C THR B 50 0.88 -8.13 -43.24
N ASN B 51 1.32 -8.94 -44.21
CA ASN B 51 2.75 -9.03 -44.50
C ASN B 51 3.31 -7.71 -45.01
N ASN B 52 2.54 -7.00 -45.83
CA ASN B 52 3.04 -5.80 -46.50
C ASN B 52 2.98 -4.54 -45.65
N ILE B 53 2.32 -4.55 -44.50
CA ILE B 53 2.17 -3.32 -43.72
C ILE B 53 3.49 -2.98 -43.04
N ASP B 54 3.65 -1.68 -42.72
CA ASP B 54 4.87 -1.17 -42.11
C ASP B 54 4.87 -1.48 -40.62
N PRO B 55 5.90 -2.16 -40.12
CA PRO B 55 5.93 -2.52 -38.69
C PRO B 55 6.05 -1.30 -37.80
N VAL B 56 5.50 -1.43 -36.59
CA VAL B 56 5.61 -0.39 -35.58
C VAL B 56 6.99 -0.46 -34.95
N GLY B 57 7.67 0.69 -34.87
CA GLY B 57 8.99 0.72 -34.28
C GLY B 57 8.97 0.44 -32.79
N ARG B 58 10.15 0.15 -32.26
CA ARG B 58 10.28 -0.14 -30.84
C ARG B 58 9.81 1.04 -30.00
N ILE B 59 8.97 0.77 -29.01
CA ILE B 59 8.28 1.80 -28.24
C ILE B 59 8.91 1.89 -26.86
N GLN B 60 9.29 3.09 -26.46
CA GLN B 60 9.83 3.36 -25.14
C GLN B 60 8.80 4.12 -24.31
N MET B 61 8.53 3.60 -23.11
CA MET B 61 7.61 4.26 -22.19
C MET B 61 8.30 4.41 -20.84
N ARG B 62 8.07 5.55 -20.20
CA ARG B 62 8.76 5.90 -18.96
C ARG B 62 7.76 6.14 -17.85
N THR B 63 8.15 5.77 -16.64
CA THR B 63 7.30 5.94 -15.47
C THR B 63 7.17 7.42 -15.13
N ARG B 64 5.97 7.96 -15.28
CA ARG B 64 5.75 9.38 -15.00
C ARG B 64 5.39 9.62 -13.54
N ARG B 65 4.54 8.78 -12.96
CA ARG B 65 4.12 8.90 -11.58
C ARG B 65 4.33 7.59 -10.84
N THR B 66 4.49 7.69 -9.53
CA THR B 66 4.59 6.54 -8.65
C THR B 66 3.64 6.74 -7.47
N LEU B 67 2.99 5.67 -7.06
CA LEU B 67 1.92 5.72 -6.07
C LEU B 67 2.30 4.90 -4.86
N ARG B 68 2.22 5.52 -3.68
CA ARG B 68 2.60 4.88 -2.44
C ARG B 68 1.48 5.02 -1.42
N GLY B 69 1.30 3.98 -0.61
CA GLY B 69 0.27 4.00 0.41
C GLY B 69 -0.39 2.65 0.65
N HIS B 70 -0.14 1.69 -0.24
CA HIS B 70 -0.64 0.34 -0.07
C HIS B 70 0.37 -0.50 0.70
N LEU B 71 -0.12 -1.31 1.64
CA LEU B 71 0.72 -2.12 2.50
C LEU B 71 0.46 -3.60 2.33
N ALA B 72 0.02 -4.01 1.15
CA ALA B 72 -0.28 -5.40 0.84
C ALA B 72 -0.32 -5.55 -0.67
N LYS B 73 -0.73 -6.73 -1.14
CA LYS B 73 -0.81 -6.99 -2.56
C LYS B 73 -1.96 -6.22 -3.19
N ILE B 74 -1.76 -5.79 -4.43
CA ILE B 74 -2.73 -4.99 -5.17
C ILE B 74 -3.36 -5.87 -6.24
N TYR B 75 -4.68 -5.97 -6.23
CA TYR B 75 -5.37 -6.94 -7.09
C TYR B 75 -6.25 -6.31 -8.16
N ALA B 76 -6.86 -5.16 -7.89
CA ALA B 76 -7.79 -4.56 -8.83
C ALA B 76 -7.48 -3.08 -9.04
N MET B 77 -7.79 -2.60 -10.24
CA MET B 77 -7.61 -1.19 -10.58
C MET B 77 -8.45 -0.88 -11.80
N HIS B 78 -9.20 0.22 -11.75
CA HIS B 78 -10.08 0.62 -12.85
C HIS B 78 -10.04 2.12 -13.03
N TRP B 79 -9.87 2.56 -14.28
CA TRP B 79 -9.85 3.98 -14.59
C TRP B 79 -11.27 4.57 -14.53
N GLY B 80 -11.34 5.89 -14.67
CA GLY B 80 -12.58 6.60 -14.79
C GLY B 80 -12.80 7.11 -16.21
N THR B 81 -13.96 7.74 -16.40
CA THR B 81 -14.32 8.28 -17.71
C THR B 81 -13.71 9.65 -17.99
N ASP B 82 -13.19 10.33 -16.97
CA ASP B 82 -12.52 11.61 -17.15
C ASP B 82 -11.02 11.48 -17.36
N SER B 83 -10.50 10.25 -17.31
CA SER B 83 -9.09 9.97 -17.56
C SER B 83 -8.17 10.71 -16.60
N ARG B 84 -8.64 10.95 -15.37
CA ARG B 84 -7.80 11.60 -14.37
C ARG B 84 -7.87 10.87 -13.02
N LEU B 85 -8.98 10.18 -12.77
CA LEU B 85 -9.19 9.49 -11.51
C LEU B 85 -9.14 7.98 -11.70
N LEU B 86 -8.67 7.29 -10.67
CA LEU B 86 -8.63 5.83 -10.70
C LEU B 86 -8.82 5.30 -9.29
N VAL B 87 -9.16 4.01 -9.21
CA VAL B 87 -9.43 3.33 -7.95
C VAL B 87 -8.54 2.10 -7.86
N SER B 88 -8.03 1.82 -6.66
CA SER B 88 -7.13 0.71 -6.43
C SER B 88 -7.61 -0.11 -5.23
N ALA B 89 -7.47 -1.42 -5.35
CA ALA B 89 -7.94 -2.38 -4.36
C ALA B 89 -6.80 -3.29 -3.91
N SER B 90 -6.70 -3.46 -2.59
CA SER B 90 -5.67 -4.31 -1.99
C SER B 90 -6.28 -5.06 -0.81
N GLN B 91 -5.55 -6.08 -0.33
CA GLN B 91 -5.97 -6.86 0.82
C GLN B 91 -5.51 -6.28 2.14
N ASP B 92 -5.27 -4.98 2.21
CA ASP B 92 -5.06 -4.28 3.46
C ASP B 92 -6.36 -3.72 4.02
N GLY B 93 -7.48 -4.01 3.39
CA GLY B 93 -8.77 -3.51 3.82
C GLY B 93 -9.11 -2.12 3.33
N LYS B 94 -8.42 -1.63 2.30
CA LYS B 94 -8.57 -0.25 1.86
C LYS B 94 -8.82 -0.20 0.36
N LEU B 95 -9.73 0.69 -0.04
CA LEU B 95 -9.97 1.03 -1.43
C LEU B 95 -9.62 2.50 -1.60
N ILE B 96 -8.67 2.80 -2.48
CA ILE B 96 -8.09 4.14 -2.55
C ILE B 96 -8.41 4.76 -3.90
N ILE B 97 -8.90 6.00 -3.87
CA ILE B 97 -9.17 6.77 -5.09
C ILE B 97 -8.05 7.80 -5.22
N TRP B 98 -7.39 7.79 -6.38
CA TRP B 98 -6.22 8.62 -6.61
C TRP B 98 -6.52 9.76 -7.58
N ASP B 99 -5.57 10.68 -7.67
CA ASP B 99 -5.56 11.75 -8.67
C ASP B 99 -4.22 11.66 -9.40
N SER B 100 -4.25 11.17 -10.64
CA SER B 100 -3.01 10.83 -11.33
C SER B 100 -2.18 12.06 -11.66
N TYR B 101 -2.81 13.21 -11.89
CA TYR B 101 -2.07 14.39 -12.31
C TYR B 101 -1.16 14.91 -11.19
N THR B 102 -1.68 14.96 -9.97
CA THR B 102 -0.94 15.55 -8.84
C THR B 102 -0.55 14.53 -7.78
N THR B 103 -0.83 13.23 -8.01
CA THR B 103 -0.44 12.15 -7.09
C THR B 103 -0.99 12.42 -5.68
N ASN B 104 -2.24 12.86 -5.61
CA ASN B 104 -2.92 13.06 -4.33
C ASN B 104 -3.87 11.91 -4.06
N LYS B 105 -4.55 11.98 -2.92
CA LYS B 105 -5.57 11.02 -2.54
C LYS B 105 -6.86 11.76 -2.27
N VAL B 106 -7.95 11.29 -2.86
CA VAL B 106 -9.27 11.88 -2.69
C VAL B 106 -10.08 11.16 -1.63
N HIS B 107 -10.12 9.83 -1.68
CA HIS B 107 -10.88 9.04 -0.73
C HIS B 107 -10.14 7.75 -0.39
N ALA B 108 -10.33 7.31 0.85
CA ALA B 108 -9.84 6.02 1.32
C ALA B 108 -10.98 5.34 2.05
N ILE B 109 -11.47 4.23 1.49
CA ILE B 109 -12.68 3.56 1.96
C ILE B 109 -12.25 2.28 2.67
N PRO B 110 -12.55 2.12 3.96
CA PRO B 110 -12.32 0.84 4.62
C PRO B 110 -13.37 -0.19 4.21
N LEU B 111 -12.93 -1.43 4.07
CA LEU B 111 -13.77 -2.52 3.62
C LEU B 111 -14.03 -3.52 4.76
N ARG B 112 -15.22 -4.08 4.77
CA ARG B 112 -15.58 -5.06 5.79
C ARG B 112 -14.82 -6.37 5.59
N SER B 113 -14.68 -6.81 4.34
CA SER B 113 -13.93 -8.00 3.99
C SER B 113 -12.65 -7.59 3.28
N SER B 114 -11.52 -8.15 3.71
CA SER B 114 -10.22 -7.78 3.18
C SER B 114 -9.77 -8.64 2.01
N TRP B 115 -10.61 -9.58 1.56
CA TRP B 115 -10.23 -10.49 0.47
C TRP B 115 -10.93 -10.03 -0.80
N VAL B 116 -10.27 -9.12 -1.52
CA VAL B 116 -10.84 -8.48 -2.70
C VAL B 116 -10.09 -8.96 -3.94
N MET B 117 -10.82 -9.21 -5.02
CA MET B 117 -10.22 -9.59 -6.28
C MET B 117 -10.67 -8.74 -7.46
N THR B 118 -11.61 -7.81 -7.27
CA THR B 118 -12.11 -7.02 -8.37
C THR B 118 -12.62 -5.68 -7.85
N CYS B 119 -12.68 -4.71 -8.76
CA CYS B 119 -13.24 -3.40 -8.47
C CYS B 119 -13.72 -2.78 -9.78
N ALA B 120 -14.71 -1.89 -9.68
CA ALA B 120 -15.28 -1.29 -10.87
C ALA B 120 -15.71 0.14 -10.57
N TYR B 121 -15.58 1.00 -11.58
CA TYR B 121 -15.91 2.42 -11.49
C TYR B 121 -17.12 2.71 -12.35
N ALA B 122 -18.11 3.39 -11.77
CA ALA B 122 -19.31 3.73 -12.51
C ALA B 122 -18.99 4.76 -13.59
N PRO B 123 -19.58 4.63 -14.79
CA PRO B 123 -19.30 5.62 -15.85
C PRO B 123 -19.72 7.03 -15.48
N SER B 124 -20.81 7.19 -14.72
CA SER B 124 -21.23 8.52 -14.30
C SER B 124 -20.22 9.14 -13.33
N GLY B 125 -19.66 8.35 -12.44
CA GLY B 125 -18.72 8.83 -11.45
C GLY B 125 -19.26 8.92 -10.04
N ASN B 126 -20.42 8.35 -9.77
CA ASN B 126 -21.05 8.46 -8.45
C ASN B 126 -20.92 7.21 -7.60
N TYR B 127 -20.60 6.06 -8.20
CA TYR B 127 -20.58 4.79 -7.48
C TYR B 127 -19.32 4.01 -7.80
N VAL B 128 -18.96 3.13 -6.87
CA VAL B 128 -17.83 2.22 -7.06
C VAL B 128 -18.21 0.86 -6.47
N ALA B 129 -17.79 -0.21 -7.14
CA ALA B 129 -18.22 -1.55 -6.76
C ALA B 129 -17.02 -2.43 -6.46
N CYS B 130 -17.19 -3.32 -5.46
CA CYS B 130 -16.10 -4.23 -5.11
C CYS B 130 -16.66 -5.49 -4.46
N GLY B 131 -15.85 -6.55 -4.47
CA GLY B 131 -16.24 -7.79 -3.83
C GLY B 131 -15.22 -8.89 -4.08
N GLY B 132 -15.32 -9.93 -3.27
CA GLY B 132 -14.45 -11.09 -3.40
C GLY B 132 -14.44 -12.01 -2.19
N LEU B 133 -14.43 -13.31 -2.43
CA LEU B 133 -14.33 -14.35 -1.40
C LEU B 133 -15.37 -14.19 -0.30
N ASP B 134 -16.46 -13.49 -0.59
CA ASP B 134 -17.55 -13.32 0.35
C ASP B 134 -18.89 -13.55 -0.32
N ASN B 135 -18.91 -13.72 -1.65
CA ASN B 135 -20.12 -13.96 -2.43
C ASN B 135 -21.07 -12.76 -2.36
N ILE B 136 -20.53 -11.57 -2.10
CA ILE B 136 -21.30 -10.34 -2.00
C ILE B 136 -20.59 -9.26 -2.81
N CYS B 137 -21.36 -8.49 -3.56
CA CYS B 137 -20.86 -7.33 -4.29
C CYS B 137 -21.41 -6.07 -3.63
N SER B 138 -20.52 -5.20 -3.19
CA SER B 138 -20.89 -3.99 -2.47
C SER B 138 -20.74 -2.77 -3.36
N ILE B 139 -21.72 -1.86 -3.25
CA ILE B 139 -21.77 -0.61 -4.00
C ILE B 139 -21.58 0.54 -3.02
N TYR B 140 -20.68 1.46 -3.35
CA TYR B 140 -20.34 2.60 -2.52
C TYR B 140 -20.68 3.88 -3.27
N ASN B 141 -21.30 4.82 -2.55
CA ASN B 141 -21.73 6.10 -3.10
C ASN B 141 -20.72 7.17 -2.70
N LEU B 142 -20.24 7.94 -3.68
CA LEU B 142 -19.20 8.93 -3.43
C LEU B 142 -19.77 10.31 -3.14
N LYS B 143 -20.78 10.75 -3.90
CA LYS B 143 -21.35 12.08 -3.75
C LYS B 143 -22.42 12.03 -2.68
N THR B 144 -22.11 12.54 -1.50
CA THR B 144 -23.02 12.53 -0.36
C THR B 144 -23.00 13.89 0.31
N ARG B 145 -24.16 14.34 0.77
CA ARG B 145 -24.25 15.61 1.50
C ARG B 145 -23.46 15.54 2.81
N GLU B 146 -23.52 14.39 3.49
CA GLU B 146 -22.83 14.24 4.77
C GLU B 146 -21.31 14.32 4.64
N GLY B 147 -20.76 14.07 3.45
CA GLY B 147 -19.34 14.22 3.24
C GLY B 147 -18.50 12.98 3.42
N ASN B 148 -19.10 11.79 3.42
CA ASN B 148 -18.37 10.55 3.57
C ASN B 148 -18.94 9.51 2.61
N VAL B 149 -18.15 8.47 2.36
CA VAL B 149 -18.55 7.39 1.48
C VAL B 149 -19.27 6.33 2.30
N ARG B 150 -20.46 5.93 1.84
CA ARG B 150 -21.30 4.99 2.56
C ARG B 150 -21.70 3.85 1.64
N VAL B 151 -22.08 2.73 2.26
CA VAL B 151 -22.61 1.60 1.51
C VAL B 151 -24.00 1.95 1.01
N SER B 152 -24.31 1.48 -0.20
CA SER B 152 -25.63 1.70 -0.79
C SER B 152 -26.38 0.42 -1.12
N ARG B 153 -25.68 -0.67 -1.46
CA ARG B 153 -26.35 -1.91 -1.80
C ARG B 153 -25.36 -3.06 -1.72
N GLU B 154 -25.82 -4.18 -1.17
CA GLU B 154 -25.04 -5.42 -1.11
C GLU B 154 -25.81 -6.51 -1.85
N LEU B 155 -25.17 -7.10 -2.85
CA LEU B 155 -25.77 -8.14 -3.67
C LEU B 155 -25.18 -9.48 -3.26
N ALA B 156 -26.03 -10.34 -2.68
CA ALA B 156 -25.61 -11.65 -2.17
C ALA B 156 -26.56 -12.71 -2.73
N GLY B 157 -26.18 -13.30 -3.86
CA GLY B 157 -26.97 -14.35 -4.45
C GLY B 157 -26.13 -15.41 -5.13
N HIS B 158 -24.82 -15.36 -4.93
CA HIS B 158 -23.88 -16.27 -5.57
C HIS B 158 -23.46 -17.37 -4.61
N THR B 159 -22.76 -18.36 -5.15
CA THR B 159 -22.25 -19.48 -4.37
C THR B 159 -20.73 -19.48 -4.27
N GLY B 160 -20.01 -19.09 -5.31
CA GLY B 160 -18.57 -19.01 -5.28
C GLY B 160 -18.08 -17.57 -5.30
N TYR B 161 -16.76 -17.44 -5.24
CA TYR B 161 -16.14 -16.12 -5.19
C TYR B 161 -16.38 -15.36 -6.50
N LEU B 162 -16.50 -14.04 -6.38
CA LEU B 162 -16.66 -13.16 -7.52
C LEU B 162 -15.30 -12.88 -8.16
N SER B 163 -15.25 -12.96 -9.49
CA SER B 163 -14.01 -12.73 -10.22
C SER B 163 -13.96 -11.40 -10.94
N CYS B 164 -15.10 -10.84 -11.33
CA CYS B 164 -15.13 -9.57 -12.04
C CYS B 164 -16.51 -8.96 -11.94
N CYS B 165 -16.56 -7.63 -12.04
CA CYS B 165 -17.82 -6.89 -12.03
C CYS B 165 -17.67 -5.65 -12.89
N ARG B 166 -18.73 -5.31 -13.62
CA ARG B 166 -18.72 -4.15 -14.49
C ARG B 166 -20.09 -3.48 -14.48
N PHE B 167 -20.09 -2.17 -14.75
CA PHE B 167 -21.30 -1.37 -14.75
C PHE B 167 -21.85 -1.22 -16.16
N LEU B 168 -23.17 -1.36 -16.29
CA LEU B 168 -23.88 -1.00 -17.52
C LEU B 168 -24.40 0.43 -17.45
N ASP B 169 -25.04 0.80 -16.35
CA ASP B 169 -25.44 2.18 -16.06
C ASP B 169 -25.41 2.35 -14.55
N ASP B 170 -26.07 3.39 -14.06
CA ASP B 170 -26.11 3.63 -12.62
C ASP B 170 -27.10 2.74 -11.90
N ASN B 171 -27.82 1.86 -12.61
CA ASN B 171 -28.81 1.00 -11.97
C ASN B 171 -28.76 -0.42 -12.52
N GLN B 172 -27.63 -0.82 -13.09
CA GLN B 172 -27.47 -2.19 -13.59
C GLN B 172 -26.02 -2.61 -13.43
N ILE B 173 -25.82 -3.88 -13.11
CA ILE B 173 -24.48 -4.44 -12.93
C ILE B 173 -24.49 -5.89 -13.39
N VAL B 174 -23.31 -6.36 -13.82
CA VAL B 174 -23.13 -7.73 -14.27
C VAL B 174 -21.98 -8.34 -13.48
N THR B 175 -22.16 -9.57 -13.00
CA THR B 175 -21.17 -10.22 -12.15
C THR B 175 -20.88 -11.62 -12.66
N SER B 176 -19.62 -12.04 -12.49
CA SER B 176 -19.18 -13.39 -12.79
C SER B 176 -18.54 -14.00 -11.55
N SER B 177 -18.81 -15.29 -11.35
CA SER B 177 -18.39 -15.97 -10.14
C SER B 177 -17.84 -17.35 -10.49
N GLY B 178 -17.33 -18.04 -9.48
CA GLY B 178 -16.82 -19.38 -9.62
C GLY B 178 -17.86 -20.47 -9.50
N ASP B 179 -19.14 -20.10 -9.35
CA ASP B 179 -20.22 -21.08 -9.33
C ASP B 179 -20.71 -21.43 -10.72
N THR B 180 -19.90 -21.18 -11.75
CA THR B 180 -20.10 -21.52 -13.15
C THR B 180 -21.15 -20.59 -13.80
N THR B 181 -21.81 -19.73 -13.04
CA THR B 181 -22.90 -18.91 -13.54
C THR B 181 -22.54 -17.43 -13.47
N CYS B 182 -23.11 -16.66 -14.40
CA CYS B 182 -23.03 -15.20 -14.37
C CYS B 182 -24.41 -14.62 -14.10
N ALA B 183 -24.45 -13.38 -13.64
CA ALA B 183 -25.71 -12.78 -13.23
C ALA B 183 -25.79 -11.32 -13.67
N LEU B 184 -27.02 -10.87 -13.91
CA LEU B 184 -27.35 -9.48 -14.13
C LEU B 184 -28.26 -9.01 -13.01
N TRP B 185 -27.93 -7.86 -12.42
CA TRP B 185 -28.62 -7.41 -11.22
C TRP B 185 -29.35 -6.10 -11.48
N ASP B 186 -30.13 -5.68 -10.49
CA ASP B 186 -30.83 -4.41 -10.50
C ASP B 186 -30.59 -3.76 -9.15
N ILE B 187 -29.87 -2.65 -9.14
CA ILE B 187 -29.35 -2.09 -7.89
C ILE B 187 -30.48 -1.61 -6.98
N GLU B 188 -31.48 -0.93 -7.55
CA GLU B 188 -32.51 -0.31 -6.71
C GLU B 188 -33.34 -1.36 -5.98
N THR B 189 -33.58 -2.50 -6.61
CA THR B 189 -34.32 -3.58 -5.97
C THR B 189 -33.40 -4.57 -5.26
N GLY B 190 -32.44 -5.13 -5.97
CA GLY B 190 -31.49 -6.05 -5.38
C GLY B 190 -31.78 -7.51 -5.68
N GLN B 191 -32.26 -7.78 -6.88
CA GLN B 191 -32.60 -9.15 -7.30
C GLN B 191 -32.00 -9.41 -8.68
N GLN B 192 -31.70 -10.68 -8.94
CA GLN B 192 -31.12 -11.07 -10.21
C GLN B 192 -32.18 -11.04 -11.30
N THR B 193 -32.00 -10.15 -12.28
CA THR B 193 -32.92 -10.10 -13.41
C THR B 193 -32.72 -11.28 -14.35
N THR B 194 -31.47 -11.63 -14.64
CA THR B 194 -31.16 -12.72 -15.55
C THR B 194 -29.95 -13.49 -15.03
N THR B 195 -29.95 -14.80 -15.28
CA THR B 195 -28.86 -15.67 -14.90
C THR B 195 -28.37 -16.41 -16.14
N PHE B 196 -27.08 -16.33 -16.40
CA PHE B 196 -26.45 -16.92 -17.57
C PHE B 196 -25.71 -18.18 -17.15
N THR B 197 -26.06 -19.30 -17.77
CA THR B 197 -25.50 -20.61 -17.45
C THR B 197 -25.10 -21.33 -18.73
N GLY B 198 -24.19 -22.29 -18.59
CA GLY B 198 -23.76 -23.07 -19.75
C GLY B 198 -22.29 -23.44 -19.75
N HIS B 199 -21.52 -22.90 -18.81
CA HIS B 199 -20.11 -23.25 -18.72
C HIS B 199 -19.95 -24.57 -17.98
N THR B 200 -18.70 -24.96 -17.74
CA THR B 200 -18.38 -26.17 -16.99
C THR B 200 -17.49 -25.93 -15.78
N GLY B 201 -16.62 -24.93 -15.83
CA GLY B 201 -15.71 -24.66 -14.72
C GLY B 201 -15.81 -23.25 -14.20
N ASP B 202 -14.75 -22.78 -13.55
CA ASP B 202 -14.75 -21.45 -12.96
C ASP B 202 -14.74 -20.38 -14.03
N VAL B 203 -15.40 -19.26 -13.74
CA VAL B 203 -15.43 -18.09 -14.63
C VAL B 203 -14.53 -17.02 -14.02
N MET B 204 -13.62 -16.50 -14.84
CA MET B 204 -12.59 -15.59 -14.35
C MET B 204 -12.71 -14.16 -14.87
N SER B 205 -13.05 -13.97 -16.13
CA SER B 205 -13.05 -12.63 -16.71
C SER B 205 -14.27 -12.44 -17.60
N LEU B 206 -14.71 -11.18 -17.68
CA LEU B 206 -15.80 -10.78 -18.55
C LEU B 206 -15.47 -9.40 -19.12
N SER B 207 -15.91 -9.17 -20.35
CA SER B 207 -15.71 -7.89 -21.02
C SER B 207 -17.01 -7.45 -21.66
N LEU B 208 -17.34 -6.17 -21.45
CA LEU B 208 -18.55 -5.57 -21.99
C LEU B 208 -18.26 -4.88 -23.31
N ALA B 209 -19.24 -4.90 -24.20
CA ALA B 209 -19.12 -4.20 -25.46
C ALA B 209 -19.30 -2.71 -25.26
N PRO B 210 -18.69 -1.88 -26.12
CA PRO B 210 -18.94 -0.44 -26.04
C PRO B 210 -20.40 -0.08 -26.26
N ASP B 211 -21.12 -0.83 -27.10
CA ASP B 211 -22.52 -0.53 -27.36
C ASP B 211 -23.46 -1.12 -26.31
N THR B 212 -22.94 -1.90 -25.37
CA THR B 212 -23.70 -2.42 -24.23
C THR B 212 -24.93 -3.22 -24.67
N ARG B 213 -24.76 -4.10 -25.65
CA ARG B 213 -25.81 -5.04 -26.01
C ARG B 213 -25.41 -6.49 -25.83
N LEU B 214 -24.10 -6.77 -25.73
CA LEU B 214 -23.56 -8.11 -25.60
C LEU B 214 -22.38 -8.05 -24.64
N PHE B 215 -21.98 -9.22 -24.14
CA PHE B 215 -20.74 -9.29 -23.36
C PHE B 215 -20.14 -10.68 -23.47
N VAL B 216 -18.81 -10.73 -23.41
CA VAL B 216 -18.07 -11.97 -23.51
C VAL B 216 -17.54 -12.37 -22.13
N SER B 217 -17.34 -13.67 -21.95
CA SER B 217 -16.86 -14.21 -20.69
C SER B 217 -15.98 -15.43 -20.95
N GLY B 218 -14.91 -15.53 -20.18
CA GLY B 218 -13.97 -16.65 -20.32
C GLY B 218 -14.01 -17.53 -19.09
N ALA B 219 -13.78 -18.83 -19.29
CA ALA B 219 -13.90 -19.78 -18.19
C ALA B 219 -12.66 -20.65 -18.10
N CYS B 220 -12.58 -21.41 -17.01
CA CYS B 220 -11.44 -22.26 -16.71
C CYS B 220 -11.49 -23.62 -17.40
N ASP B 221 -12.50 -23.85 -18.25
CA ASP B 221 -12.52 -25.04 -19.10
C ASP B 221 -12.01 -24.73 -20.51
N ALA B 222 -11.16 -23.71 -20.64
CA ALA B 222 -10.56 -23.32 -21.91
C ALA B 222 -11.62 -22.98 -22.95
N SER B 223 -12.63 -22.23 -22.54
CA SER B 223 -13.70 -21.81 -23.45
C SER B 223 -14.12 -20.38 -23.15
N ALA B 224 -14.44 -19.66 -24.23
CA ALA B 224 -14.99 -18.31 -24.14
C ALA B 224 -16.39 -18.33 -24.74
N LYS B 225 -17.27 -17.48 -24.22
CA LYS B 225 -18.67 -17.47 -24.63
C LYS B 225 -19.16 -16.05 -24.77
N LEU B 226 -20.12 -15.86 -25.67
CA LEU B 226 -20.79 -14.59 -25.90
C LEU B 226 -22.22 -14.68 -25.38
N TRP B 227 -22.67 -13.60 -24.75
CA TRP B 227 -23.99 -13.59 -24.13
C TRP B 227 -24.69 -12.29 -24.49
N ASP B 228 -26.02 -12.38 -24.63
CA ASP B 228 -26.86 -11.23 -24.91
C ASP B 228 -27.53 -10.82 -23.61
N VAL B 229 -27.35 -9.54 -23.24
CA VAL B 229 -27.80 -9.07 -21.94
C VAL B 229 -29.33 -9.07 -21.86
N ARG B 230 -30.00 -8.71 -22.95
CA ARG B 230 -31.44 -8.49 -22.90
C ARG B 230 -32.22 -9.80 -22.92
N GLU B 231 -31.97 -10.65 -23.91
CA GLU B 231 -32.77 -11.85 -24.06
C GLU B 231 -32.36 -12.91 -23.03
N GLY B 232 -31.08 -13.29 -23.03
CA GLY B 232 -30.55 -14.03 -21.91
C GLY B 232 -30.04 -15.44 -22.15
N MET B 233 -29.45 -15.70 -23.33
CA MET B 233 -28.87 -17.01 -23.60
C MET B 233 -27.61 -16.85 -24.43
N CYS B 234 -26.78 -17.89 -24.43
CA CYS B 234 -25.52 -17.86 -25.15
C CYS B 234 -25.75 -17.86 -26.66
N ARG B 235 -24.93 -17.07 -27.37
CA ARG B 235 -24.96 -17.02 -28.82
C ARG B 235 -23.91 -17.93 -29.44
N GLN B 236 -22.64 -17.72 -29.08
CA GLN B 236 -21.53 -18.42 -29.70
C GLN B 236 -20.59 -18.94 -28.61
N THR B 237 -19.82 -19.96 -28.97
CA THR B 237 -18.80 -20.51 -28.08
C THR B 237 -17.51 -20.68 -28.85
N PHE B 238 -16.39 -20.48 -28.16
CA PHE B 238 -15.06 -20.56 -28.76
C PHE B 238 -14.15 -21.41 -27.90
N THR B 239 -13.39 -22.29 -28.54
CA THR B 239 -12.41 -23.14 -27.89
C THR B 239 -11.11 -23.07 -28.67
N GLY B 240 -10.07 -23.69 -28.11
CA GLY B 240 -8.77 -23.66 -28.75
C GLY B 240 -7.62 -23.56 -27.78
N HIS B 241 -7.93 -23.33 -26.50
CA HIS B 241 -6.89 -23.18 -25.49
C HIS B 241 -6.51 -24.54 -24.91
N GLU B 242 -5.55 -24.53 -23.99
CA GLU B 242 -5.08 -25.75 -23.35
C GLU B 242 -5.10 -25.69 -21.82
N SER B 243 -5.47 -24.57 -21.22
CA SER B 243 -5.47 -24.40 -19.78
C SER B 243 -6.49 -23.33 -19.42
N ASP B 244 -6.41 -22.83 -18.19
CA ASP B 244 -7.36 -21.84 -17.71
C ASP B 244 -7.24 -20.54 -18.51
N ILE B 245 -8.32 -19.75 -18.49
CA ILE B 245 -8.37 -18.46 -19.14
C ILE B 245 -8.48 -17.39 -18.07
N ASN B 246 -7.57 -16.41 -18.12
CA ASN B 246 -7.46 -15.43 -17.04
C ASN B 246 -7.95 -14.03 -17.40
N ALA B 247 -7.70 -13.57 -18.63
CA ALA B 247 -8.04 -12.21 -19.02
C ALA B 247 -8.76 -12.21 -20.35
N ILE B 248 -9.67 -11.25 -20.51
CA ILE B 248 -10.43 -11.08 -21.75
C ILE B 248 -10.81 -9.60 -21.87
N CYS B 249 -10.89 -9.13 -23.11
CA CYS B 249 -11.22 -7.74 -23.37
C CYS B 249 -11.68 -7.57 -24.81
N PHE B 250 -12.52 -6.57 -25.03
CA PHE B 250 -13.07 -6.29 -26.36
C PHE B 250 -12.15 -5.38 -27.17
N PHE B 251 -12.16 -5.60 -28.48
CA PHE B 251 -11.55 -4.66 -29.41
C PHE B 251 -12.38 -3.38 -29.44
N PRO B 252 -11.76 -2.23 -29.74
CA PRO B 252 -12.54 -0.99 -29.82
C PRO B 252 -13.65 -1.03 -30.86
N ASN B 253 -13.46 -1.75 -31.96
CA ASN B 253 -14.51 -1.87 -32.97
C ASN B 253 -15.73 -2.60 -32.41
N GLY B 254 -15.51 -3.67 -31.65
CA GLY B 254 -16.59 -4.47 -31.13
C GLY B 254 -16.85 -5.76 -31.89
N ASN B 255 -16.07 -6.04 -32.94
CA ASN B 255 -16.22 -7.26 -33.73
C ASN B 255 -15.11 -8.26 -33.46
N ALA B 256 -14.30 -8.05 -32.42
CA ALA B 256 -13.19 -8.93 -32.12
C ALA B 256 -12.89 -8.86 -30.64
N PHE B 257 -12.12 -9.83 -30.16
CA PHE B 257 -11.63 -9.79 -28.78
C PHE B 257 -10.36 -10.64 -28.69
N ALA B 258 -9.63 -10.43 -27.61
CA ALA B 258 -8.38 -11.14 -27.36
C ALA B 258 -8.40 -11.73 -25.96
N THR B 259 -7.88 -12.95 -25.84
CA THR B 259 -7.92 -13.68 -24.59
C THR B 259 -6.55 -14.25 -24.27
N GLY B 260 -6.29 -14.40 -22.96
CA GLY B 260 -5.03 -14.91 -22.46
C GLY B 260 -5.20 -16.05 -21.48
N SER B 261 -4.29 -17.03 -21.54
CA SER B 261 -4.39 -18.23 -20.74
C SER B 261 -3.20 -18.36 -19.79
N ASP B 262 -3.19 -19.47 -19.06
CA ASP B 262 -2.14 -19.81 -18.11
C ASP B 262 -0.99 -20.59 -18.75
N ASP B 263 -1.03 -20.79 -20.06
CA ASP B 263 -0.02 -21.59 -20.76
C ASP B 263 0.87 -20.71 -21.63
N ALA B 264 1.04 -19.44 -21.26
CA ALA B 264 1.92 -18.50 -21.96
C ALA B 264 1.54 -18.37 -23.43
N THR B 265 0.27 -18.02 -23.67
CA THR B 265 -0.25 -17.89 -25.01
C THR B 265 -1.45 -16.95 -25.00
N CYS B 266 -1.51 -16.04 -25.97
CA CYS B 266 -2.68 -15.23 -26.21
C CYS B 266 -3.25 -15.53 -27.59
N ARG B 267 -4.57 -15.40 -27.73
CA ARG B 267 -5.22 -15.60 -29.02
C ARG B 267 -6.29 -14.56 -29.28
N LEU B 268 -6.49 -14.26 -30.56
CA LEU B 268 -7.47 -13.27 -31.01
C LEU B 268 -8.59 -13.96 -31.77
N PHE B 269 -9.83 -13.68 -31.37
CA PHE B 269 -11.03 -14.24 -31.99
C PHE B 269 -11.87 -13.11 -32.58
N ASP B 270 -12.65 -13.47 -33.59
CA ASP B 270 -13.66 -12.58 -34.16
C ASP B 270 -15.05 -13.11 -33.86
N LEU B 271 -16.03 -12.22 -33.95
CA LEU B 271 -17.43 -12.54 -33.64
C LEU B 271 -18.23 -12.95 -34.86
N ARG B 272 -18.08 -12.24 -35.98
CA ARG B 272 -18.82 -12.59 -37.19
C ARG B 272 -18.32 -13.89 -37.79
N ALA B 273 -17.01 -14.08 -37.86
CA ALA B 273 -16.40 -15.33 -38.29
C ALA B 273 -15.91 -16.05 -37.05
N ASP B 274 -16.58 -17.15 -36.68
CA ASP B 274 -16.24 -17.90 -35.48
C ASP B 274 -14.99 -18.73 -35.75
N GLN B 275 -13.84 -18.06 -35.66
CA GLN B 275 -12.56 -18.69 -35.94
C GLN B 275 -11.47 -17.94 -35.17
N GLU B 276 -10.33 -18.61 -34.99
CA GLU B 276 -9.18 -18.01 -34.34
C GLU B 276 -8.26 -17.42 -35.40
N LEU B 277 -7.84 -16.17 -35.20
CA LEU B 277 -7.09 -15.43 -36.21
C LEU B 277 -5.60 -15.50 -35.97
N MET B 278 -5.12 -15.05 -34.82
CA MET B 278 -3.69 -14.95 -34.58
C MET B 278 -3.39 -15.29 -33.14
N THR B 279 -2.18 -15.84 -32.92
CA THR B 279 -1.71 -16.22 -31.60
C THR B 279 -0.40 -15.51 -31.29
N TYR B 280 -0.24 -15.16 -30.02
CA TYR B 280 0.93 -14.46 -29.50
C TYR B 280 1.59 -15.37 -28.48
N SER B 281 2.77 -15.89 -28.84
CA SER B 281 3.56 -16.75 -27.97
C SER B 281 5.04 -16.58 -28.29
N HIS B 282 5.88 -16.86 -27.31
CA HIS B 282 7.33 -16.81 -27.48
C HIS B 282 7.97 -17.92 -26.65
N ASP B 283 9.09 -18.43 -27.15
CA ASP B 283 9.75 -19.56 -26.47
C ASP B 283 10.31 -19.16 -25.11
N ASN B 284 10.78 -17.92 -24.97
CA ASN B 284 11.39 -17.49 -23.71
C ASN B 284 10.37 -17.30 -22.60
N ILE B 285 9.08 -17.34 -22.89
CA ILE B 285 8.04 -17.13 -21.90
C ILE B 285 7.42 -18.47 -21.54
N ILE B 286 7.48 -18.82 -20.26
CA ILE B 286 6.92 -20.08 -19.77
C ILE B 286 6.03 -19.81 -18.56
N CYS B 287 5.69 -18.55 -18.35
CA CYS B 287 4.89 -18.15 -17.20
C CYS B 287 3.45 -17.89 -17.62
N GLY B 288 2.63 -17.45 -16.67
CA GLY B 288 1.22 -17.21 -16.91
C GLY B 288 0.94 -15.81 -17.43
N ILE B 289 -0.35 -15.56 -17.68
CA ILE B 289 -0.84 -14.27 -18.15
C ILE B 289 -1.96 -13.83 -17.23
N THR B 290 -1.90 -12.59 -16.75
CA THR B 290 -2.84 -12.10 -15.75
C THR B 290 -3.84 -11.08 -16.29
N SER B 291 -3.39 -10.10 -17.08
CA SER B 291 -4.29 -9.06 -17.56
C SER B 291 -3.95 -8.72 -18.99
N VAL B 292 -4.98 -8.32 -19.74
CA VAL B 292 -4.86 -7.97 -21.15
C VAL B 292 -5.68 -6.70 -21.42
N SER B 293 -5.13 -5.82 -22.25
CA SER B 293 -5.82 -4.60 -22.62
C SER B 293 -5.32 -4.12 -23.97
N PHE B 294 -6.13 -3.30 -24.63
CA PHE B 294 -5.80 -2.73 -25.93
C PHE B 294 -5.46 -1.25 -25.77
N SER B 295 -5.16 -0.62 -26.91
CA SER B 295 -5.00 0.82 -26.98
C SER B 295 -6.29 1.46 -27.48
N LYS B 296 -6.24 2.78 -27.72
CA LYS B 296 -7.42 3.46 -28.22
C LYS B 296 -7.67 3.17 -29.70
N SER B 297 -6.61 2.95 -30.48
CA SER B 297 -6.73 2.67 -31.89
C SER B 297 -6.76 1.18 -32.21
N GLY B 298 -6.56 0.32 -31.22
CA GLY B 298 -6.56 -1.11 -31.46
C GLY B 298 -5.33 -1.66 -32.13
N ARG B 299 -4.22 -0.95 -32.07
CA ARG B 299 -2.97 -1.39 -32.69
C ARG B 299 -2.03 -2.10 -31.72
N LEU B 300 -2.08 -1.76 -30.44
CA LEU B 300 -1.19 -2.32 -29.44
C LEU B 300 -1.97 -3.20 -28.47
N LEU B 301 -1.39 -4.33 -28.08
CA LEU B 301 -1.98 -5.21 -27.10
C LEU B 301 -1.02 -5.34 -25.92
N LEU B 302 -1.45 -4.87 -24.75
CA LEU B 302 -0.62 -4.88 -23.56
C LEU B 302 -0.97 -6.09 -22.71
N ALA B 303 0.06 -6.85 -22.32
CA ALA B 303 -0.14 -8.06 -21.54
C ALA B 303 0.75 -8.05 -20.31
N GLY B 304 0.24 -8.59 -19.22
CA GLY B 304 0.98 -8.73 -17.98
C GLY B 304 1.24 -10.21 -17.72
N TYR B 305 2.49 -10.52 -17.42
CA TYR B 305 2.94 -11.90 -17.25
C TYR B 305 3.37 -12.13 -15.80
N ASP B 306 3.68 -13.39 -15.50
CA ASP B 306 4.13 -13.76 -14.17
C ASP B 306 5.62 -13.53 -13.95
N ASP B 307 6.35 -13.18 -15.01
CA ASP B 307 7.80 -12.99 -14.93
C ASP B 307 8.19 -11.58 -14.53
N PHE B 308 7.31 -10.85 -13.85
CA PHE B 308 7.52 -9.54 -13.22
C PHE B 308 7.55 -8.39 -14.21
N ASN B 309 7.32 -8.62 -15.50
CA ASN B 309 7.37 -7.55 -16.49
C ASN B 309 6.23 -7.68 -17.47
N CYS B 310 5.78 -6.54 -17.98
CA CYS B 310 4.71 -6.51 -18.98
C CYS B 310 5.30 -6.38 -20.38
N ASN B 311 4.53 -6.83 -21.37
CA ASN B 311 4.95 -6.79 -22.76
C ASN B 311 3.90 -6.09 -23.60
N VAL B 312 4.34 -5.51 -24.72
CA VAL B 312 3.44 -4.93 -25.70
C VAL B 312 3.62 -5.68 -27.02
N TRP B 313 2.50 -6.08 -27.62
CA TRP B 313 2.47 -6.83 -28.87
C TRP B 313 1.80 -5.99 -29.94
N ASP B 314 2.22 -6.22 -31.18
CA ASP B 314 1.54 -5.65 -32.34
C ASP B 314 0.34 -6.54 -32.66
N ALA B 315 -0.86 -5.99 -32.52
CA ALA B 315 -2.07 -6.81 -32.59
C ALA B 315 -2.29 -7.43 -33.96
N LEU B 316 -1.63 -6.94 -34.99
CA LEU B 316 -1.81 -7.45 -36.35
C LEU B 316 -0.60 -8.19 -36.89
N LYS B 317 0.57 -8.07 -36.26
CA LYS B 317 1.77 -8.75 -36.76
C LYS B 317 2.37 -9.73 -35.76
N ALA B 318 1.90 -9.77 -34.52
CA ALA B 318 2.40 -10.69 -33.50
C ALA B 318 3.92 -10.56 -33.31
N ASP B 319 4.37 -9.32 -33.20
CA ASP B 319 5.78 -9.03 -32.98
C ASP B 319 5.94 -8.19 -31.73
N ARG B 320 6.87 -8.58 -30.87
CA ARG B 320 7.12 -7.84 -29.65
C ARG B 320 7.70 -6.47 -29.97
N ALA B 321 7.16 -5.44 -29.32
CA ALA B 321 7.58 -4.07 -29.60
C ALA B 321 8.11 -3.34 -28.37
N GLY B 322 8.08 -3.97 -27.20
CA GLY B 322 8.60 -3.31 -26.01
C GLY B 322 8.20 -4.05 -24.76
N VAL B 323 8.99 -3.80 -23.71
CA VAL B 323 8.82 -4.44 -22.41
C VAL B 323 8.81 -3.36 -21.34
N LEU B 324 7.79 -3.38 -20.49
CA LEU B 324 7.70 -2.49 -19.34
C LEU B 324 8.15 -3.30 -18.13
N ALA B 325 9.38 -3.05 -17.67
CA ALA B 325 9.99 -3.79 -16.58
C ALA B 325 10.39 -2.81 -15.48
N GLY B 326 9.51 -2.63 -14.50
CA GLY B 326 9.81 -1.76 -13.38
C GLY B 326 9.25 -2.27 -12.07
N HIS B 327 8.86 -3.54 -12.03
CA HIS B 327 8.23 -4.13 -10.87
C HIS B 327 9.08 -5.26 -10.31
N ASP B 328 8.87 -5.56 -9.03
CA ASP B 328 9.63 -6.59 -8.34
C ASP B 328 8.85 -7.88 -8.13
N ASN B 329 7.55 -7.90 -8.42
CA ASN B 329 6.72 -9.08 -8.22
C ASN B 329 5.76 -9.20 -9.39
N ARG B 330 4.79 -10.09 -9.25
CA ARG B 330 3.82 -10.36 -10.32
C ARG B 330 2.96 -9.14 -10.61
N VAL B 331 2.67 -8.93 -11.88
CA VAL B 331 1.78 -7.87 -12.33
C VAL B 331 0.36 -8.40 -12.30
N SER B 332 -0.52 -7.73 -11.55
CA SER B 332 -1.87 -8.24 -11.31
C SER B 332 -2.96 -7.46 -12.02
N CYS B 333 -2.73 -6.19 -12.38
CA CYS B 333 -3.76 -5.39 -12.99
C CYS B 333 -3.13 -4.40 -13.98
N LEU B 334 -3.88 -4.13 -15.04
CA LEU B 334 -3.42 -3.28 -16.13
C LEU B 334 -4.63 -2.57 -16.72
N GLY B 335 -4.46 -1.28 -17.04
CA GLY B 335 -5.55 -0.50 -17.58
C GLY B 335 -5.05 0.59 -18.49
N VAL B 336 -5.93 1.02 -19.39
CA VAL B 336 -5.62 2.07 -20.36
C VAL B 336 -6.73 3.12 -20.30
N THR B 337 -6.34 4.39 -20.30
CA THR B 337 -7.29 5.48 -20.16
C THR B 337 -8.15 5.62 -21.42
N ASP B 338 -9.33 6.21 -21.23
CA ASP B 338 -10.27 6.38 -22.34
C ASP B 338 -9.72 7.31 -23.41
N ASP B 339 -9.01 8.37 -23.01
CA ASP B 339 -8.40 9.27 -23.98
C ASP B 339 -7.19 8.64 -24.68
N GLY B 340 -6.72 7.49 -24.19
CA GLY B 340 -5.60 6.83 -24.82
C GLY B 340 -4.26 7.47 -24.57
N MET B 341 -4.05 8.05 -23.39
CA MET B 341 -2.86 8.85 -23.13
C MET B 341 -1.87 8.18 -22.20
N ALA B 342 -2.31 7.34 -21.26
CA ALA B 342 -1.44 6.75 -20.27
C ALA B 342 -1.84 5.30 -20.01
N VAL B 343 -0.93 4.56 -19.39
CA VAL B 343 -1.19 3.17 -19.00
C VAL B 343 -0.95 3.05 -17.50
N ALA B 344 -1.88 2.40 -16.81
CA ALA B 344 -1.75 2.15 -15.38
C ALA B 344 -1.45 0.67 -15.15
N THR B 345 -0.47 0.40 -14.30
CA THR B 345 -0.06 -0.96 -13.99
C THR B 345 0.07 -1.14 -12.48
N GLY B 346 -0.31 -2.32 -12.00
CA GLY B 346 -0.18 -2.67 -10.61
C GLY B 346 0.55 -3.98 -10.45
N SER B 347 0.95 -4.26 -9.21
CA SER B 347 1.74 -5.45 -8.92
C SER B 347 1.56 -5.83 -7.47
N TRP B 348 2.19 -6.94 -7.09
CA TRP B 348 2.16 -7.43 -5.72
C TRP B 348 3.18 -6.75 -4.81
N ASP B 349 3.94 -5.80 -5.34
CA ASP B 349 4.88 -5.01 -4.53
C ASP B 349 4.24 -3.77 -3.95
N SER B 350 2.92 -3.63 -4.05
CA SER B 350 2.15 -2.54 -3.43
C SER B 350 2.45 -1.18 -4.08
N PHE B 351 2.75 -1.16 -5.37
CA PHE B 351 3.04 0.07 -6.09
C PHE B 351 2.26 0.11 -7.40
N LEU B 352 1.66 1.26 -7.68
CA LEU B 352 1.06 1.53 -8.98
C LEU B 352 2.02 2.38 -9.81
N LYS B 353 1.88 2.28 -11.13
CA LYS B 353 2.75 3.03 -12.02
C LYS B 353 1.98 3.49 -13.25
N ILE B 354 2.11 4.77 -13.58
CA ILE B 354 1.60 5.30 -14.84
C ILE B 354 2.76 5.42 -15.82
N TRP B 355 2.59 4.81 -16.98
CA TRP B 355 3.56 4.81 -18.07
C TRP B 355 3.02 5.63 -19.24
N ASN B 356 3.93 6.37 -19.87
CA ASN B 356 3.60 7.23 -21.00
C ASN B 356 4.79 7.31 -21.94
N ALA C 7 -32.39 -38.39 -15.16
CA ALA C 7 -32.34 -36.97 -15.48
C ALA C 7 -31.26 -36.68 -16.51
N SER C 8 -30.49 -37.72 -16.87
CA SER C 8 -29.44 -37.55 -17.87
C SER C 8 -30.04 -37.23 -19.23
N ILE C 9 -31.20 -37.80 -19.53
CA ILE C 9 -31.85 -37.55 -20.82
C ILE C 9 -32.21 -36.07 -20.95
N ALA C 10 -32.64 -35.44 -19.86
CA ALA C 10 -32.95 -34.01 -19.90
C ALA C 10 -31.71 -33.17 -20.20
N GLN C 11 -30.58 -33.50 -19.55
CA GLN C 11 -29.35 -32.77 -19.81
C GLN C 11 -28.89 -32.95 -21.25
N ALA C 12 -28.98 -34.18 -21.77
CA ALA C 12 -28.59 -34.42 -23.15
C ALA C 12 -29.51 -33.68 -24.12
N ARG C 13 -30.81 -33.63 -23.82
CA ARG C 13 -31.74 -32.88 -24.66
C ARG C 13 -31.42 -31.39 -24.64
N LYS C 14 -31.08 -30.85 -23.47
CA LYS C 14 -30.70 -29.45 -23.38
C LYS C 14 -29.44 -29.18 -24.20
N LEU C 15 -28.45 -30.07 -24.11
CA LEU C 15 -27.22 -29.88 -24.87
C LEU C 15 -27.46 -29.92 -26.37
N VAL C 16 -28.26 -30.90 -26.83
CA VAL C 16 -28.51 -31.00 -28.27
C VAL C 16 -29.36 -29.83 -28.77
N GLU C 17 -30.29 -29.35 -27.94
CA GLU C 17 -31.06 -28.16 -28.33
C GLU C 17 -30.16 -26.93 -28.42
N GLN C 18 -29.21 -26.80 -27.49
CA GLN C 18 -28.26 -25.71 -27.57
C GLN C 18 -27.41 -25.80 -28.83
N LEU C 19 -27.01 -27.02 -29.20
CA LEU C 19 -26.26 -27.20 -30.45
C LEU C 19 -27.11 -26.83 -31.66
N LYS C 20 -28.38 -27.24 -31.67
CA LYS C 20 -29.31 -26.81 -32.72
C LYS C 20 -29.31 -25.30 -32.85
N MET C 21 -29.45 -24.61 -31.71
CA MET C 21 -29.59 -23.17 -31.74
C MET C 21 -28.29 -22.47 -32.13
N GLU C 22 -27.14 -23.06 -31.79
CA GLU C 22 -25.84 -22.46 -32.06
C GLU C 22 -25.28 -22.84 -33.44
N ALA C 23 -25.88 -23.79 -34.14
CA ALA C 23 -25.33 -24.28 -35.40
C ALA C 23 -26.03 -23.72 -36.62
N ASN C 24 -26.82 -22.64 -36.48
CA ASN C 24 -27.64 -22.12 -37.56
C ASN C 24 -27.46 -20.62 -37.70
N ILE C 25 -26.21 -20.16 -37.74
CA ILE C 25 -25.91 -18.74 -37.89
C ILE C 25 -25.12 -18.52 -39.18
N ASP C 26 -25.06 -17.27 -39.60
CA ASP C 26 -24.35 -16.89 -40.82
C ASP C 26 -22.90 -16.58 -40.52
N ARG C 27 -22.05 -16.79 -41.53
CA ARG C 27 -20.62 -16.55 -41.40
C ARG C 27 -20.12 -15.79 -42.62
N ILE C 28 -18.93 -15.21 -42.48
CA ILE C 28 -18.24 -14.50 -43.55
C ILE C 28 -16.83 -15.05 -43.66
N LYS C 29 -16.11 -14.60 -44.69
CA LYS C 29 -14.75 -15.05 -44.90
C LYS C 29 -13.80 -14.35 -43.94
N VAL C 30 -12.66 -15.00 -43.68
CA VAL C 30 -11.66 -14.44 -42.79
C VAL C 30 -11.08 -13.16 -43.38
N SER C 31 -10.97 -13.09 -44.71
CA SER C 31 -10.39 -11.92 -45.36
C SER C 31 -11.18 -10.66 -45.05
N LYS C 32 -12.51 -10.75 -45.06
CA LYS C 32 -13.32 -9.58 -44.77
C LYS C 32 -13.09 -9.06 -43.36
N ALA C 33 -13.07 -9.96 -42.37
CA ALA C 33 -12.85 -9.54 -40.99
C ALA C 33 -11.46 -8.95 -40.80
N ALA C 34 -10.45 -9.58 -41.39
CA ALA C 34 -9.09 -9.06 -41.29
C ALA C 34 -8.98 -7.68 -41.93
N ALA C 35 -9.60 -7.50 -43.10
CA ALA C 35 -9.58 -6.20 -43.76
C ALA C 35 -10.31 -5.16 -42.93
N ASP C 36 -11.42 -5.54 -42.28
CA ASP C 36 -12.14 -4.59 -41.44
C ASP C 36 -11.29 -4.13 -40.26
N LEU C 37 -10.62 -5.09 -39.59
CA LEU C 37 -9.76 -4.72 -38.47
C LEU C 37 -8.62 -3.83 -38.93
N MET C 38 -7.99 -4.17 -40.05
CA MET C 38 -6.88 -3.38 -40.56
C MET C 38 -7.33 -1.97 -40.94
N ALA C 39 -8.51 -1.86 -41.56
CA ALA C 39 -9.04 -0.56 -41.94
C ALA C 39 -9.34 0.29 -40.72
N TYR C 40 -9.94 -0.31 -39.68
CA TYR C 40 -10.22 0.44 -38.47
C TYR C 40 -8.91 0.96 -37.84
N CYS C 41 -7.90 0.10 -37.76
CA CYS C 41 -6.63 0.52 -37.19
C CYS C 41 -5.99 1.63 -38.01
N GLU C 42 -6.01 1.50 -39.33
CA GLU C 42 -5.41 2.53 -40.19
C GLU C 42 -6.16 3.85 -40.05
N ALA C 43 -7.50 3.80 -39.97
CA ALA C 43 -8.27 5.03 -39.85
C ALA C 43 -8.04 5.72 -38.52
N HIS C 44 -7.93 4.96 -37.43
CA HIS C 44 -7.83 5.56 -36.11
C HIS C 44 -6.39 5.68 -35.59
N ALA C 45 -5.40 5.33 -36.41
CA ALA C 45 -4.01 5.45 -35.97
C ALA C 45 -3.62 6.90 -35.71
N LYS C 46 -4.32 7.86 -36.31
CA LYS C 46 -3.90 9.26 -36.22
C LYS C 46 -4.04 9.82 -34.81
N GLU C 47 -4.92 9.27 -33.99
CA GLU C 47 -5.21 9.80 -32.66
C GLU C 47 -4.82 8.83 -31.57
N ASP C 48 -3.65 8.20 -31.69
CA ASP C 48 -3.15 7.28 -30.68
C ASP C 48 -1.89 7.86 -30.06
N PRO C 49 -1.99 8.50 -28.89
CA PRO C 49 -0.78 9.08 -28.27
C PRO C 49 0.30 8.06 -27.95
N LEU C 50 -0.08 6.84 -27.60
CA LEU C 50 0.93 5.83 -27.26
C LEU C 50 1.72 5.38 -28.47
N LEU C 51 1.09 5.36 -29.65
CA LEU C 51 1.78 4.88 -30.85
C LEU C 51 2.88 5.84 -31.28
N THR C 52 2.59 7.14 -31.30
CA THR C 52 3.57 8.16 -31.64
C THR C 52 3.61 9.18 -30.51
N PRO C 53 4.80 9.44 -29.93
CA PRO C 53 4.86 10.34 -28.78
C PRO C 53 4.35 11.73 -29.11
N VAL C 54 3.61 12.30 -28.16
CA VAL C 54 3.06 13.65 -28.28
C VAL C 54 4.13 14.66 -27.85
N PRO C 55 4.06 15.91 -28.29
CA PRO C 55 5.02 16.90 -27.79
C PRO C 55 4.89 17.12 -26.30
N ALA C 56 6.02 17.43 -25.66
CA ALA C 56 6.06 17.59 -24.22
C ALA C 56 5.27 18.79 -23.73
N SER C 57 4.94 19.74 -24.63
CA SER C 57 4.20 20.92 -24.21
C SER C 57 2.75 20.59 -23.83
N GLU C 58 2.15 19.61 -24.50
CA GLU C 58 0.75 19.27 -24.29
C GLU C 58 0.56 17.93 -23.59
N ASN C 59 1.58 17.46 -22.85
CA ASN C 59 1.47 16.23 -22.09
C ASN C 59 1.10 16.55 -20.65
N PRO C 60 -0.11 16.23 -20.20
CA PRO C 60 -0.47 16.50 -18.78
C PRO C 60 0.35 15.70 -17.79
N PHE C 61 0.96 14.59 -18.20
CA PHE C 61 1.75 13.76 -17.30
C PHE C 61 3.23 14.11 -17.36
N ARG C 62 3.57 15.27 -17.92
CA ARG C 62 4.95 15.73 -17.90
C ARG C 62 5.37 16.07 -16.48
N GLU C 63 6.65 15.88 -16.19
CA GLU C 63 7.17 16.18 -14.86
C GLU C 63 8.15 17.35 -14.90
N VAL D 3 -28.08 18.01 8.04
CA VAL D 3 -27.01 19.01 8.07
C VAL D 3 -27.53 20.37 8.56
N GLN D 4 -26.91 20.89 9.61
CA GLN D 4 -27.25 22.22 10.10
C GLN D 4 -26.13 22.73 11.00
N LEU D 5 -26.08 24.05 11.11
CA LEU D 5 -25.08 24.77 11.91
C LEU D 5 -25.81 25.81 12.74
N VAL D 6 -25.73 25.70 14.06
CA VAL D 6 -26.42 26.63 14.95
C VAL D 6 -25.37 27.34 15.80
N GLU D 7 -25.36 28.68 15.75
CA GLU D 7 -24.39 29.47 16.47
C GLU D 7 -25.10 30.48 17.36
N SER D 8 -24.41 30.87 18.44
CA SER D 8 -24.99 31.79 19.41
C SER D 8 -23.87 32.49 20.16
N GLY D 9 -24.25 33.33 21.12
CA GLY D 9 -23.30 34.06 21.93
C GLY D 9 -23.17 35.54 21.62
N GLY D 10 -24.08 36.12 20.85
CA GLY D 10 -23.97 37.51 20.48
C GLY D 10 -24.85 38.45 21.30
N GLY D 11 -24.23 39.21 22.20
CA GLY D 11 -24.94 40.16 23.03
C GLY D 11 -24.38 41.57 22.91
N LEU D 12 -24.99 42.47 23.69
CA LEU D 12 -24.55 43.85 23.73
C LEU D 12 -23.24 43.98 24.50
N VAL D 13 -22.35 44.85 24.02
CA VAL D 13 -21.08 45.09 24.66
C VAL D 13 -20.83 46.58 24.78
N GLN D 14 -19.99 46.95 25.74
CA GLN D 14 -19.45 48.29 25.91
C GLN D 14 -18.25 48.49 25.00
N PRO D 15 -17.83 49.74 24.78
CA PRO D 15 -16.61 49.98 23.98
C PRO D 15 -15.39 49.23 24.52
N GLY D 16 -15.45 48.82 25.78
CA GLY D 16 -14.41 47.98 26.36
C GLY D 16 -15.00 46.74 27.00
N GLY D 17 -14.66 45.58 26.48
CA GLY D 17 -15.20 44.33 27.00
C GLY D 17 -14.82 43.17 26.10
N SER D 18 -15.44 42.02 26.36
CA SER D 18 -15.13 40.83 25.59
C SER D 18 -16.27 39.83 25.69
N ARG D 19 -16.52 39.13 24.60
CA ARG D 19 -17.39 37.97 24.55
C ARG D 19 -16.73 36.87 23.73
N LYS D 20 -17.47 35.81 23.47
CA LYS D 20 -17.03 34.75 22.58
C LYS D 20 -18.25 34.10 21.94
N LEU D 21 -18.11 33.75 20.67
CA LEU D 21 -19.17 33.11 19.91
C LEU D 21 -18.86 31.64 19.72
N SER D 22 -19.92 30.83 19.61
CA SER D 22 -19.74 29.39 19.45
C SER D 22 -20.80 28.86 18.50
N CYS D 23 -20.37 27.96 17.61
CA CYS D 23 -21.26 27.28 16.68
C CYS D 23 -21.12 25.78 16.84
N SER D 24 -22.26 25.09 16.75
CA SER D 24 -22.36 23.63 16.88
C SER D 24 -22.91 23.08 15.58
N ALA D 25 -22.25 22.05 15.05
CA ALA D 25 -22.67 21.35 13.85
C ALA D 25 -23.49 20.13 14.20
N SER D 26 -24.42 19.76 13.31
CA SER D 26 -25.14 18.51 13.49
C SER D 26 -25.67 18.05 12.14
N GLY D 27 -25.17 16.92 11.66
CA GLY D 27 -25.68 16.32 10.44
C GLY D 27 -24.61 15.96 9.41
N PHE D 28 -23.34 16.06 9.78
CA PHE D 28 -22.26 15.78 8.84
C PHE D 28 -20.97 15.55 9.62
N ALA D 29 -19.95 15.10 8.89
CA ALA D 29 -18.65 14.78 9.47
C ALA D 29 -17.87 16.07 9.65
N PHE D 30 -17.80 16.54 10.91
CA PHE D 30 -17.13 17.80 11.20
C PHE D 30 -15.63 17.73 10.94
N SER D 31 -15.02 16.58 11.22
CA SER D 31 -13.56 16.47 11.20
C SER D 31 -12.96 16.63 9.82
N SER D 32 -13.77 16.56 8.76
CA SER D 32 -13.26 16.65 7.39
C SER D 32 -13.60 17.97 6.70
N PHE D 33 -14.04 18.97 7.45
CA PHE D 33 -14.46 20.25 6.89
C PHE D 33 -13.67 21.40 7.49
N GLY D 34 -13.13 22.26 6.62
CA GLY D 34 -12.60 23.53 7.07
C GLY D 34 -13.71 24.54 7.31
N MET D 35 -13.41 25.52 8.16
CA MET D 35 -14.44 26.38 8.70
C MET D 35 -14.04 27.84 8.52
N HIS D 36 -15.06 28.70 8.35
CA HIS D 36 -14.86 30.10 8.01
C HIS D 36 -15.69 30.97 8.95
N TRP D 37 -15.54 32.29 8.79
CA TRP D 37 -16.37 33.28 9.46
C TRP D 37 -16.55 34.45 8.51
N VAL D 38 -17.78 34.94 8.37
CA VAL D 38 -18.08 36.05 7.48
C VAL D 38 -18.90 37.09 8.22
N ARG D 39 -18.50 38.35 8.11
CA ARG D 39 -19.14 39.45 8.83
C ARG D 39 -19.87 40.36 7.88
N GLN D 40 -21.08 40.78 8.25
CA GLN D 40 -21.90 41.66 7.43
C GLN D 40 -22.39 42.83 8.27
N ALA D 41 -22.02 44.04 7.88
CA ALA D 41 -22.46 45.23 8.59
C ALA D 41 -23.94 45.48 8.31
N PRO D 42 -24.64 46.14 9.24
CA PRO D 42 -26.06 46.44 9.00
C PRO D 42 -26.23 47.40 7.85
N GLU D 43 -27.16 47.08 6.94
CA GLU D 43 -27.46 47.90 5.77
C GLU D 43 -26.22 48.17 4.92
N LYS D 44 -25.31 47.21 4.89
CA LYS D 44 -24.07 47.32 4.11
C LYS D 44 -23.74 45.96 3.52
N GLY D 45 -22.52 45.82 3.03
CA GLY D 45 -22.05 44.57 2.47
C GLY D 45 -21.54 43.63 3.54
N LEU D 46 -20.89 42.55 3.08
CA LEU D 46 -20.35 41.53 3.96
C LEU D 46 -18.89 41.25 3.61
N GLU D 47 -18.09 40.93 4.62
CA GLU D 47 -16.66 40.73 4.47
C GLU D 47 -16.20 39.52 5.27
N TRP D 48 -14.95 39.14 5.05
CA TRP D 48 -14.36 37.95 5.65
C TRP D 48 -13.69 38.29 6.98
N VAL D 49 -13.57 37.27 7.84
CA VAL D 49 -13.01 37.46 9.18
C VAL D 49 -11.79 36.57 9.38
N ALA D 50 -11.98 35.25 9.32
CA ALA D 50 -10.89 34.32 9.61
C ALA D 50 -11.16 33.01 8.88
N TYR D 51 -10.27 32.04 9.08
CA TYR D 51 -10.38 30.73 8.43
C TYR D 51 -9.51 29.73 9.19
N ILE D 52 -10.08 28.53 9.42
CA ILE D 52 -9.35 27.45 10.07
C ILE D 52 -9.50 26.20 9.22
N SER D 53 -8.41 25.45 9.07
CA SER D 53 -8.38 24.27 8.21
C SER D 53 -8.58 23.00 9.03
N SER D 54 -8.86 21.91 8.33
CA SER D 54 -9.00 20.62 8.97
C SER D 54 -7.68 20.15 9.55
N GLY D 55 -7.74 19.58 10.75
CA GLY D 55 -6.53 19.20 11.47
C GLY D 55 -5.88 20.31 12.25
N SER D 56 -6.42 21.53 12.21
CA SER D 56 -5.88 22.68 12.93
C SER D 56 -4.42 22.93 12.58
N GLY D 57 -4.11 22.84 11.28
CA GLY D 57 -2.74 23.04 10.83
C GLY D 57 -2.50 24.40 10.23
N THR D 58 -3.50 24.93 9.52
CA THR D 58 -3.40 26.23 8.87
C THR D 58 -4.51 27.14 9.40
N ILE D 59 -4.11 28.33 9.86
CA ILE D 59 -5.04 29.31 10.41
C ILE D 59 -4.72 30.66 9.77
N TYR D 60 -5.73 31.26 9.14
CA TYR D 60 -5.57 32.56 8.49
C TYR D 60 -6.51 33.58 9.11
N TYR D 61 -6.01 34.80 9.28
CA TYR D 61 -6.77 35.91 9.85
C TYR D 61 -6.83 37.04 8.82
N ALA D 62 -7.62 38.06 9.16
CA ALA D 62 -7.78 39.23 8.32
C ALA D 62 -6.90 40.37 8.81
N ASP D 63 -6.46 41.22 7.89
CA ASP D 63 -5.57 42.32 8.25
C ASP D 63 -6.27 43.31 9.17
N THR D 64 -7.55 43.55 8.95
CA THR D 64 -8.30 44.51 9.76
C THR D 64 -8.41 44.06 11.22
N VAL D 65 -8.42 42.76 11.48
CA VAL D 65 -8.66 42.25 12.83
C VAL D 65 -7.52 41.31 13.23
N LYS D 66 -6.37 41.44 12.58
CA LYS D 66 -5.23 40.61 12.90
C LYS D 66 -4.73 40.89 14.32
N GLY D 67 -4.46 39.82 15.07
CA GLY D 67 -3.87 39.93 16.38
C GLY D 67 -4.84 40.24 17.50
N ARG D 68 -6.12 40.44 17.20
CA ARG D 68 -7.10 40.83 18.21
C ARG D 68 -8.15 39.78 18.50
N PHE D 69 -8.48 38.92 17.54
CA PHE D 69 -9.42 37.84 17.76
C PHE D 69 -8.68 36.50 17.86
N THR D 70 -9.40 35.48 18.31
CA THR D 70 -8.81 34.15 18.43
C THR D 70 -9.77 33.12 17.84
N ILE D 71 -9.23 32.10 17.18
CA ILE D 71 -10.03 31.02 16.62
C ILE D 71 -9.63 29.71 17.29
N SER D 72 -10.61 28.84 17.53
CA SER D 72 -10.35 27.55 18.17
C SER D 72 -11.42 26.56 17.73
N ARG D 73 -11.04 25.29 17.65
CA ARG D 73 -11.90 24.23 17.15
C ARG D 73 -11.79 23.00 18.05
N ASP D 74 -12.93 22.35 18.30
CA ASP D 74 -12.97 21.13 19.10
C ASP D 74 -13.69 20.06 18.28
N ASP D 75 -12.94 19.06 17.85
CA ASP D 75 -13.45 17.99 16.98
C ASP D 75 -14.27 16.95 17.74
N PRO D 76 -13.79 16.40 18.88
CA PRO D 76 -14.63 15.42 19.58
C PRO D 76 -15.99 15.95 19.99
N LYS D 77 -16.07 17.21 20.39
CA LYS D 77 -17.35 17.82 20.75
C LYS D 77 -18.05 18.50 19.59
N ASN D 78 -17.40 18.60 18.44
CA ASN D 78 -17.99 19.20 17.23
C ASN D 78 -18.46 20.64 17.50
N THR D 79 -17.51 21.51 17.84
CA THR D 79 -17.86 22.89 18.14
C THR D 79 -16.73 23.82 17.75
N LEU D 80 -17.09 24.94 17.13
CA LEU D 80 -16.13 25.96 16.73
C LEU D 80 -16.36 27.21 17.56
N PHE D 81 -15.27 27.84 18.00
CA PHE D 81 -15.33 29.02 18.84
C PHE D 81 -14.69 30.21 18.15
N LEU D 82 -14.99 31.40 18.67
CA LEU D 82 -14.33 32.63 18.28
C LEU D 82 -14.26 33.52 19.51
N GLN D 83 -13.06 34.06 19.77
CA GLN D 83 -12.78 34.76 21.01
C GLN D 83 -12.52 36.23 20.71
N MET D 84 -13.28 37.10 21.38
CA MET D 84 -13.17 38.54 21.26
C MET D 84 -12.35 39.07 22.44
N THR D 85 -11.47 40.03 22.19
CA THR D 85 -10.63 40.58 23.23
C THR D 85 -10.97 42.03 23.55
N SER D 86 -10.96 42.92 22.55
CA SER D 86 -11.25 44.34 22.78
C SER D 86 -11.96 44.86 21.54
N LEU D 87 -13.27 45.09 21.68
CA LEU D 87 -14.11 45.42 20.53
C LEU D 87 -14.13 46.93 20.29
N ARG D 88 -13.83 47.34 19.07
CA ARG D 88 -13.91 48.74 18.68
C ARG D 88 -15.35 49.06 18.28
N SER D 89 -15.56 50.24 17.68
CA SER D 89 -16.89 50.66 17.29
C SER D 89 -17.25 50.25 15.87
N GLU D 90 -16.27 49.82 15.06
CA GLU D 90 -16.57 49.34 13.72
C GLU D 90 -16.95 47.87 13.68
N ASP D 91 -16.76 47.14 14.78
CA ASP D 91 -17.09 45.71 14.83
C ASP D 91 -18.50 45.51 15.42
N THR D 92 -19.47 46.13 14.77
CA THR D 92 -20.89 45.93 15.07
C THR D 92 -21.59 45.46 13.80
N ALA D 93 -22.03 44.20 13.81
CA ALA D 93 -22.45 43.56 12.58
C ALA D 93 -23.17 42.26 12.92
N MET D 94 -23.40 41.43 11.90
CA MET D 94 -23.96 40.10 12.05
C MET D 94 -22.99 39.09 11.44
N TYR D 95 -22.72 38.02 12.17
CA TYR D 95 -21.72 37.03 11.81
C TYR D 95 -22.37 35.75 11.31
N TYR D 96 -21.71 35.13 10.33
CA TYR D 96 -22.13 33.90 9.68
C TYR D 96 -20.99 32.89 9.73
N CYS D 97 -21.34 31.61 9.78
CA CYS D 97 -20.39 30.52 9.83
C CYS D 97 -20.56 29.64 8.61
N VAL D 98 -19.47 29.27 7.96
CA VAL D 98 -19.49 28.58 6.68
C VAL D 98 -18.55 27.38 6.73
N ARG D 99 -18.97 26.27 6.14
CA ARG D 99 -18.15 25.09 5.97
C ARG D 99 -17.64 25.00 4.53
N SER D 100 -16.51 24.31 4.37
CA SER D 100 -15.94 24.12 3.04
C SER D 100 -14.99 22.93 3.05
N ILE D 101 -14.98 22.18 1.96
CA ILE D 101 -14.08 21.04 1.78
C ILE D 101 -13.37 21.19 0.45
N TYR D 102 -12.08 20.85 0.41
CA TYR D 102 -11.24 21.10 -0.74
C TYR D 102 -10.64 19.80 -1.26
N TYR D 103 -11.14 19.33 -2.39
CA TYR D 103 -10.51 18.26 -3.16
C TYR D 103 -10.97 18.39 -4.59
N TYR D 104 -10.55 17.45 -5.43
CA TYR D 104 -10.89 17.50 -6.86
C TYR D 104 -12.39 17.37 -7.06
N GLY D 105 -13.01 18.43 -7.56
CA GLY D 105 -14.43 18.42 -7.82
C GLY D 105 -15.32 18.80 -6.65
N SER D 106 -14.76 19.39 -5.60
CA SER D 106 -15.53 19.76 -4.43
C SER D 106 -16.28 21.07 -4.69
N SER D 107 -17.19 21.39 -3.77
CA SER D 107 -18.02 22.59 -3.86
C SER D 107 -17.92 23.35 -2.54
N PRO D 108 -16.87 24.14 -2.34
CA PRO D 108 -16.72 24.90 -1.11
C PRO D 108 -17.79 25.97 -0.98
N PHE D 109 -17.98 26.44 0.26
CA PHE D 109 -19.02 27.42 0.60
C PHE D 109 -20.40 26.88 0.22
N ASP D 110 -20.70 25.68 0.69
CA ASP D 110 -21.96 25.02 0.35
C ASP D 110 -23.07 25.30 1.37
N PHE D 111 -22.74 25.29 2.65
CA PHE D 111 -23.72 25.54 3.71
C PHE D 111 -23.32 26.78 4.50
N TRP D 112 -24.29 27.65 4.75
CA TRP D 112 -24.03 28.92 5.41
C TRP D 112 -24.69 29.06 6.77
N GLY D 113 -25.64 28.19 7.12
CA GLY D 113 -26.27 28.27 8.43
C GLY D 113 -27.06 29.54 8.62
N GLN D 114 -27.05 30.04 9.85
CA GLN D 114 -27.72 31.27 10.23
C GLN D 114 -26.68 32.26 10.77
N GLY D 115 -27.15 33.38 11.29
CA GLY D 115 -26.27 34.44 11.75
C GLY D 115 -26.60 34.88 13.16
N THR D 116 -25.61 35.48 13.80
CA THR D 116 -25.76 36.04 15.14
C THR D 116 -25.31 37.49 15.16
N THR D 117 -25.98 38.29 15.99
CA THR D 117 -25.78 39.74 15.97
C THR D 117 -24.86 40.17 17.12
N LEU D 118 -23.94 41.10 16.81
CA LEU D 118 -23.07 41.71 17.79
C LEU D 118 -23.16 43.22 17.65
N THR D 119 -23.53 43.90 18.74
CA THR D 119 -23.74 45.35 18.75
C THR D 119 -22.85 46.00 19.79
N VAL D 120 -22.15 47.06 19.40
CA VAL D 120 -21.31 47.83 20.30
C VAL D 120 -22.01 49.14 20.61
N SER D 121 -21.61 49.78 21.72
CA SER D 121 -22.19 51.04 22.12
C SER D 121 -21.11 52.04 22.54
N SER D 137 -1.85 44.36 -4.25
CA SER D 137 -2.25 43.99 -2.90
C SER D 137 -3.51 43.13 -2.92
N ASP D 138 -4.59 43.67 -2.38
CA ASP D 138 -5.86 42.96 -2.31
C ASP D 138 -6.66 43.19 -3.58
N ILE D 139 -7.21 42.12 -4.13
CA ILE D 139 -8.04 42.20 -5.34
C ILE D 139 -9.41 42.74 -4.96
N VAL D 140 -9.87 43.75 -5.70
CA VAL D 140 -11.11 44.45 -5.40
C VAL D 140 -12.19 43.98 -6.36
N MET D 141 -13.36 43.68 -5.82
CA MET D 141 -14.55 43.32 -6.61
C MET D 141 -15.43 44.55 -6.75
N THR D 142 -15.72 44.93 -8.00
CA THR D 142 -16.53 46.11 -8.30
C THR D 142 -17.71 45.70 -9.14
N GLN D 143 -18.91 45.99 -8.65
CA GLN D 143 -20.16 45.82 -9.40
C GLN D 143 -20.80 47.20 -9.55
N ALA D 144 -20.75 47.75 -10.77
CA ALA D 144 -21.23 49.10 -10.99
C ALA D 144 -22.72 49.22 -10.71
N THR D 145 -23.50 48.24 -11.14
CA THR D 145 -24.95 48.28 -10.95
C THR D 145 -25.31 48.19 -9.48
N SER D 146 -26.36 48.91 -9.10
CA SER D 146 -26.85 48.89 -7.73
C SER D 146 -28.32 48.55 -7.58
N SER D 147 -29.13 48.69 -8.63
CA SER D 147 -30.54 48.36 -8.56
C SER D 147 -31.07 48.15 -9.97
N VAL D 148 -31.91 47.14 -10.15
CA VAL D 148 -32.49 46.83 -11.46
C VAL D 148 -33.94 46.42 -11.29
N PRO D 149 -34.90 47.18 -11.84
CA PRO D 149 -36.28 46.70 -11.89
C PRO D 149 -36.44 45.61 -12.94
N VAL D 150 -37.39 44.71 -12.69
CA VAL D 150 -37.59 43.56 -13.55
C VAL D 150 -39.05 43.12 -13.48
N THR D 151 -39.52 42.51 -14.56
CA THR D 151 -40.84 41.92 -14.64
C THR D 151 -40.70 40.40 -14.76
N PRO D 152 -41.47 39.62 -14.00
CA PRO D 152 -41.32 38.15 -14.09
C PRO D 152 -41.53 37.64 -15.50
N GLY D 153 -40.71 36.66 -15.88
CA GLY D 153 -40.81 36.04 -17.19
C GLY D 153 -39.81 36.50 -18.22
N GLU D 154 -38.86 37.37 -17.85
CA GLU D 154 -37.87 37.87 -18.78
C GLU D 154 -36.47 37.58 -18.26
N SER D 155 -35.49 37.72 -19.16
CA SER D 155 -34.11 37.40 -18.86
C SER D 155 -33.42 38.56 -18.14
N VAL D 156 -32.46 38.20 -17.28
CA VAL D 156 -31.68 39.18 -16.52
C VAL D 156 -30.20 38.80 -16.64
N SER D 157 -29.36 39.83 -16.71
CA SER D 157 -27.92 39.64 -16.82
C SER D 157 -27.22 40.61 -15.89
N ILE D 158 -26.28 40.09 -15.09
CA ILE D 158 -25.53 40.89 -14.13
C ILE D 158 -24.05 40.68 -14.37
N SER D 159 -23.26 41.73 -14.20
CA SER D 159 -21.83 41.68 -14.47
C SER D 159 -21.03 42.01 -13.22
N CYS D 160 -19.90 41.32 -13.07
CA CYS D 160 -18.97 41.54 -11.97
C CYS D 160 -17.57 41.67 -12.57
N ARG D 161 -16.85 42.69 -12.11
CA ARG D 161 -15.53 43.02 -12.63
C ARG D 161 -14.48 42.89 -11.54
N SER D 162 -13.26 42.58 -11.94
CA SER D 162 -12.14 42.37 -11.03
C SER D 162 -11.02 43.34 -11.32
N SER D 163 -9.95 43.25 -10.53
CA SER D 163 -8.74 44.03 -10.74
C SER D 163 -7.57 43.19 -11.23
N LYS D 164 -7.76 41.88 -11.36
CA LYS D 164 -6.71 40.98 -11.83
C LYS D 164 -7.38 39.76 -12.44
N SER D 165 -6.67 39.10 -13.36
CA SER D 165 -7.20 37.92 -14.02
C SER D 165 -7.30 36.76 -13.03
N LEU D 166 -8.51 36.21 -12.90
CA LEU D 166 -8.73 35.10 -11.97
C LEU D 166 -8.32 33.75 -12.55
N LEU D 167 -8.05 33.68 -13.84
CA LEU D 167 -7.67 32.40 -14.46
C LEU D 167 -6.28 31.99 -13.99
N HIS D 168 -6.20 30.85 -13.32
CA HIS D 168 -4.93 30.30 -12.86
C HIS D 168 -4.45 29.28 -13.89
N SER D 169 -3.14 29.06 -13.92
CA SER D 169 -2.52 28.26 -14.98
C SER D 169 -3.08 26.85 -15.02
N ASN D 170 -3.57 26.32 -13.90
CA ASN D 170 -4.09 24.96 -13.88
C ASN D 170 -5.41 24.82 -14.65
N GLY D 171 -6.03 25.93 -15.05
CA GLY D 171 -7.27 25.91 -15.78
C GLY D 171 -8.48 26.35 -14.99
N ASN D 172 -8.36 26.49 -13.68
CA ASN D 172 -9.48 26.89 -12.84
C ASN D 172 -9.59 28.41 -12.77
N THR D 173 -10.82 28.90 -12.72
CA THR D 173 -11.11 30.31 -12.53
C THR D 173 -12.02 30.45 -11.33
N TYR D 174 -11.54 31.12 -10.30
CA TYR D 174 -12.16 31.12 -8.98
C TYR D 174 -13.11 32.32 -8.85
N LEU D 175 -14.37 32.09 -9.22
CA LEU D 175 -15.44 33.06 -8.97
C LEU D 175 -16.64 32.32 -8.43
N TYR D 176 -17.31 32.93 -7.45
CA TYR D 176 -18.45 32.33 -6.78
C TYR D 176 -19.61 33.31 -6.78
N TRP D 177 -20.81 32.80 -7.07
CA TRP D 177 -22.03 33.61 -7.10
C TRP D 177 -22.97 33.09 -6.02
N PHE D 178 -23.47 33.99 -5.18
CA PHE D 178 -24.47 33.60 -4.20
C PHE D 178 -25.54 34.68 -4.06
N LEU D 179 -26.71 34.23 -3.60
CA LEU D 179 -27.94 35.00 -3.53
C LEU D 179 -28.31 35.24 -2.07
N GLN D 180 -29.01 36.35 -1.82
CA GLN D 180 -29.51 36.66 -0.48
C GLN D 180 -30.92 37.20 -0.61
N ARG D 181 -31.90 36.43 -0.14
CA ARG D 181 -33.28 36.88 -0.04
C ARG D 181 -33.47 37.74 1.19
N PRO D 182 -34.52 38.56 1.23
CA PRO D 182 -34.77 39.38 2.43
C PRO D 182 -35.12 38.50 3.63
N GLY D 183 -34.35 38.66 4.70
CA GLY D 183 -34.59 37.90 5.92
C GLY D 183 -34.14 36.46 5.87
N GLN D 184 -33.10 36.16 5.11
CA GLN D 184 -32.61 34.80 4.98
C GLN D 184 -31.08 34.82 4.96
N SER D 185 -30.49 33.66 4.73
CA SER D 185 -29.04 33.47 4.67
C SER D 185 -28.60 33.20 3.24
N PRO D 186 -27.36 33.54 2.89
CA PRO D 186 -26.89 33.33 1.52
C PRO D 186 -26.85 31.85 1.16
N GLN D 187 -27.04 31.59 -0.14
CA GLN D 187 -27.03 30.24 -0.67
C GLN D 187 -26.20 30.23 -1.96
N LEU D 188 -25.39 29.18 -2.11
CA LEU D 188 -24.52 29.08 -3.28
C LEU D 188 -25.32 28.77 -4.53
N LEU D 189 -24.97 29.43 -5.63
CA LEU D 189 -25.58 29.19 -6.92
C LEU D 189 -24.62 28.60 -7.92
N ILE D 190 -23.49 29.26 -8.17
CA ILE D 190 -22.50 28.80 -9.13
C ILE D 190 -21.11 28.97 -8.53
N TYR D 191 -20.30 27.90 -8.60
CA TYR D 191 -18.93 27.93 -8.14
C TYR D 191 -18.00 27.72 -9.32
N ARG D 192 -16.87 28.44 -9.30
CA ARG D 192 -15.91 28.46 -10.41
C ARG D 192 -16.58 28.92 -11.72
N MET D 193 -17.60 29.77 -11.57
CA MET D 193 -18.22 30.58 -12.63
C MET D 193 -18.73 29.77 -13.80
N SER D 194 -18.68 28.44 -13.72
CA SER D 194 -19.22 27.60 -14.79
C SER D 194 -20.02 26.40 -14.31
N ASN D 195 -19.95 26.04 -13.03
CA ASN D 195 -20.58 24.83 -12.53
C ASN D 195 -21.78 25.18 -11.65
N LEU D 196 -22.85 24.40 -11.79
CA LEU D 196 -24.10 24.65 -11.10
C LEU D 196 -24.16 23.80 -9.83
N ALA D 197 -24.61 24.42 -8.73
CA ALA D 197 -24.65 23.73 -7.45
C ALA D 197 -25.81 22.72 -7.42
N SER D 198 -25.97 22.08 -6.27
CA SER D 198 -26.98 21.05 -6.08
C SER D 198 -28.18 21.63 -5.34
N GLY D 199 -29.38 21.26 -5.78
CA GLY D 199 -30.59 21.75 -5.16
C GLY D 199 -31.13 23.04 -5.72
N VAL D 200 -30.71 23.43 -6.92
CA VAL D 200 -31.17 24.67 -7.54
C VAL D 200 -31.66 24.38 -8.95
N PRO D 201 -32.62 25.14 -9.47
CA PRO D 201 -33.10 24.89 -10.83
C PRO D 201 -32.05 25.25 -11.87
N ASP D 202 -32.24 24.69 -13.07
CA ASP D 202 -31.32 24.88 -14.18
C ASP D 202 -31.51 26.22 -14.90
N ARG D 203 -32.25 27.15 -14.31
CA ARG D 203 -32.46 28.44 -14.95
C ARG D 203 -31.19 29.27 -14.96
N PHE D 204 -30.48 29.31 -13.83
CA PHE D 204 -29.30 30.15 -13.71
C PHE D 204 -28.15 29.62 -14.57
N SER D 205 -27.31 30.54 -15.02
CA SER D 205 -26.12 30.18 -15.77
C SER D 205 -25.06 31.25 -15.56
N GLY D 206 -23.80 30.88 -15.78
CA GLY D 206 -22.70 31.80 -15.59
C GLY D 206 -21.73 31.72 -16.76
N SER D 207 -20.98 32.80 -16.93
CA SER D 207 -19.99 32.88 -18.01
C SER D 207 -19.06 34.02 -17.69
N GLY D 208 -18.08 34.24 -18.57
CA GLY D 208 -17.13 35.32 -18.38
C GLY D 208 -15.72 34.93 -18.77
N SER D 209 -14.81 35.89 -18.82
CA SER D 209 -13.45 35.60 -19.24
C SER D 209 -12.49 36.71 -18.84
N GLY D 210 -11.39 36.35 -18.18
CA GLY D 210 -10.38 37.33 -17.85
C GLY D 210 -10.74 38.17 -16.64
N THR D 211 -11.19 39.40 -16.90
CA THR D 211 -11.51 40.36 -15.86
C THR D 211 -13.01 40.55 -15.64
N ALA D 212 -13.83 40.31 -16.65
CA ALA D 212 -15.27 40.54 -16.56
C ALA D 212 -16.03 39.23 -16.63
N PHE D 213 -17.05 39.09 -15.77
CA PHE D 213 -17.85 37.88 -15.70
C PHE D 213 -19.31 38.25 -15.61
N THR D 214 -20.18 37.34 -16.03
CA THR D 214 -21.61 37.59 -16.09
C THR D 214 -22.37 36.39 -15.53
N LEU D 215 -23.54 36.70 -14.96
CA LEU D 215 -24.51 35.72 -14.50
C LEU D 215 -25.85 36.02 -15.15
N THR D 216 -26.48 34.99 -15.70
CA THR D 216 -27.69 35.14 -16.49
C THR D 216 -28.81 34.28 -15.91
N ILE D 217 -30.00 34.86 -15.82
CA ILE D 217 -31.21 34.15 -15.44
C ILE D 217 -32.17 34.20 -16.63
N SER D 218 -32.58 33.04 -17.12
CA SER D 218 -33.45 32.99 -18.29
C SER D 218 -34.88 33.38 -17.94
N ARG D 219 -35.51 32.61 -17.05
CA ARG D 219 -36.87 32.87 -16.62
C ARG D 219 -36.86 33.29 -15.16
N LEU D 220 -37.51 34.41 -14.86
CA LEU D 220 -37.54 34.96 -13.51
C LEU D 220 -38.88 34.66 -12.84
N GLU D 221 -38.81 34.28 -11.57
CA GLU D 221 -40.00 33.99 -10.79
C GLU D 221 -40.02 34.83 -9.51
N ALA D 222 -40.98 34.57 -8.63
CA ALA D 222 -41.14 35.37 -7.42
C ALA D 222 -40.10 35.05 -6.35
N GLU D 223 -39.33 33.98 -6.51
CA GLU D 223 -38.32 33.59 -5.54
C GLU D 223 -36.93 34.07 -5.91
N ASP D 224 -36.79 34.84 -6.99
CA ASP D 224 -35.49 35.32 -7.45
C ASP D 224 -35.20 36.74 -7.00
N VAL D 225 -36.06 37.33 -6.18
CA VAL D 225 -35.84 38.69 -5.69
C VAL D 225 -34.82 38.66 -4.56
N GLY D 226 -33.87 39.60 -4.59
CA GLY D 226 -32.86 39.67 -3.56
C GLY D 226 -31.61 40.38 -4.06
N VAL D 227 -30.53 40.16 -3.33
CA VAL D 227 -29.24 40.79 -3.62
C VAL D 227 -28.23 39.70 -3.95
N TYR D 228 -27.50 39.89 -5.06
CA TYR D 228 -26.52 38.92 -5.51
C TYR D 228 -25.11 39.44 -5.27
N TYR D 229 -24.17 38.51 -5.08
CA TYR D 229 -22.79 38.86 -4.79
C TYR D 229 -21.85 38.00 -5.62
N CYS D 230 -20.63 38.51 -5.83
CA CYS D 230 -19.56 37.78 -6.49
C CYS D 230 -18.33 37.76 -5.58
N MET D 231 -17.67 36.61 -5.51
CA MET D 231 -16.59 36.38 -4.56
C MET D 231 -15.42 35.71 -5.25
N GLN D 232 -14.21 36.06 -4.83
CA GLN D 232 -12.97 35.59 -5.44
C GLN D 232 -12.17 34.75 -4.47
N HIS D 233 -11.36 33.82 -5.01
CA HIS D 233 -10.66 32.87 -4.16
C HIS D 233 -9.23 32.56 -4.62
N LEU D 234 -8.57 33.46 -5.36
CA LEU D 234 -7.17 33.20 -5.73
C LEU D 234 -6.26 33.19 -4.51
N GLU D 235 -6.31 34.25 -3.70
CA GLU D 235 -5.40 34.39 -2.57
C GLU D 235 -6.11 35.09 -1.44
N TYR D 236 -5.62 34.86 -0.24
CA TYR D 236 -6.18 35.49 0.95
C TYR D 236 -5.70 36.95 1.04
N PRO D 237 -6.55 37.85 1.55
CA PRO D 237 -7.89 37.60 2.08
C PRO D 237 -8.96 37.49 0.99
N LEU D 238 -10.11 36.93 1.35
CA LEU D 238 -11.24 36.80 0.44
C LEU D 238 -12.02 38.09 0.42
N THR D 239 -12.20 38.67 -0.76
CA THR D 239 -12.84 39.97 -0.92
C THR D 239 -14.16 39.81 -1.65
N PHE D 240 -15.23 40.36 -1.07
CA PHE D 240 -16.54 40.37 -1.69
C PHE D 240 -16.78 41.70 -2.39
N GLY D 241 -17.74 41.68 -3.31
CA GLY D 241 -18.15 42.88 -4.01
C GLY D 241 -19.43 43.47 -3.43
N ALA D 242 -19.73 44.69 -3.84
CA ALA D 242 -20.98 45.31 -3.44
C ALA D 242 -22.15 44.57 -4.07
N GLY D 243 -23.23 44.45 -3.30
CA GLY D 243 -24.36 43.67 -3.75
C GLY D 243 -25.10 44.31 -4.90
N THR D 244 -25.70 43.47 -5.72
CA THR D 244 -26.50 43.93 -6.86
C THR D 244 -27.97 43.59 -6.62
N LYS D 245 -28.69 44.55 -6.04
CA LYS D 245 -30.09 44.34 -5.70
C LYS D 245 -30.93 44.17 -6.96
N LEU D 246 -31.98 43.36 -6.85
CA LEU D 246 -32.89 43.09 -7.95
C LEU D 246 -34.31 43.16 -7.40
N GLU D 247 -34.95 44.32 -7.53
CA GLU D 247 -36.28 44.56 -6.99
C GLU D 247 -37.35 44.21 -8.02
N LEU D 248 -38.53 43.88 -7.50
CA LEU D 248 -39.66 43.52 -8.36
C LEU D 248 -40.39 44.76 -8.86
N ARG E 34 60.46 5.82 13.03
CA ARG E 34 60.61 4.42 13.44
C ARG E 34 59.44 3.57 12.95
N VAL E 35 59.61 2.25 13.05
CA VAL E 35 58.70 1.25 12.49
C VAL E 35 57.25 1.46 12.92
N PRO E 36 56.96 1.77 14.19
CA PRO E 36 55.55 2.01 14.57
C PRO E 36 54.89 3.09 13.74
N ASP E 37 55.60 4.14 13.36
CA ASP E 37 55.01 5.20 12.54
C ASP E 37 54.57 4.65 11.19
N ILE E 38 55.43 3.88 10.52
CA ILE E 38 55.08 3.33 9.21
C ILE E 38 53.92 2.36 9.33
N LEU E 39 53.95 1.49 10.35
CA LEU E 39 52.85 0.54 10.51
C LEU E 39 51.53 1.26 10.75
N ALA E 40 51.55 2.28 11.61
CA ALA E 40 50.33 3.04 11.87
C ALA E 40 49.84 3.74 10.60
N LEU E 41 50.75 4.30 9.81
CA LEU E 41 50.34 4.99 8.59
C LEU E 41 49.68 4.01 7.60
N VAL E 42 50.27 2.83 7.42
CA VAL E 42 49.70 1.90 6.45
C VAL E 42 48.35 1.36 6.94
N ILE E 43 48.24 1.09 8.24
CA ILE E 43 46.95 0.63 8.78
C ILE E 43 45.90 1.72 8.61
N PHE E 44 46.27 2.98 8.88
CA PHE E 44 45.33 4.08 8.72
C PHE E 44 44.86 4.19 7.28
N ALA E 45 45.78 4.07 6.33
CA ALA E 45 45.42 4.18 4.93
C ALA E 45 44.44 3.06 4.52
N VAL E 46 44.73 1.83 4.94
CA VAL E 46 43.86 0.71 4.57
C VAL E 46 42.48 0.90 5.17
N VAL E 47 42.42 1.26 6.46
CA VAL E 47 41.14 1.42 7.12
C VAL E 47 40.33 2.54 6.47
N PHE E 48 40.97 3.68 6.17
CA PHE E 48 40.25 4.76 5.50
C PHE E 48 39.70 4.29 4.16
N LEU E 49 40.56 3.69 3.33
CA LEU E 49 40.19 3.33 1.97
C LEU E 49 39.01 2.37 1.95
N VAL E 50 39.01 1.37 2.85
CA VAL E 50 37.90 0.43 2.84
C VAL E 50 36.67 1.03 3.50
N GLY E 51 36.85 1.66 4.66
CA GLY E 51 35.72 2.07 5.48
C GLY E 51 34.88 3.16 4.84
N VAL E 52 35.50 4.12 4.16
CA VAL E 52 34.72 5.19 3.56
C VAL E 52 33.69 4.62 2.59
N LEU E 53 34.15 3.79 1.66
CA LEU E 53 33.24 3.20 0.67
C LEU E 53 32.23 2.29 1.34
N GLY E 54 32.68 1.44 2.28
CA GLY E 54 31.77 0.51 2.91
C GLY E 54 30.64 1.20 3.66
N ASN E 55 30.99 2.20 4.48
CA ASN E 55 29.99 2.91 5.24
C ASN E 55 29.08 3.75 4.35
N ALA E 56 29.63 4.35 3.29
CA ALA E 56 28.77 5.08 2.36
C ALA E 56 27.73 4.16 1.73
N LEU E 57 28.16 2.98 1.27
CA LEU E 57 27.22 2.03 0.69
C LEU E 57 26.17 1.60 1.72
N VAL E 58 26.60 1.29 2.95
CA VAL E 58 25.66 0.82 3.96
C VAL E 58 24.63 1.89 4.29
N VAL E 59 25.07 3.14 4.46
CA VAL E 59 24.13 4.19 4.83
C VAL E 59 23.19 4.49 3.68
N TRP E 60 23.68 4.43 2.44
CA TRP E 60 22.79 4.64 1.30
C TRP E 60 21.71 3.56 1.22
N VAL E 61 22.11 2.30 1.44
CA VAL E 61 21.12 1.22 1.41
C VAL E 61 20.13 1.36 2.56
N THR E 62 20.61 1.77 3.74
CA THR E 62 19.76 1.83 4.91
C THR E 62 18.78 3.00 4.86
N ALA E 63 19.16 4.09 4.19
CA ALA E 63 18.31 5.28 4.17
C ALA E 63 16.96 4.99 3.53
N PHE E 64 16.95 4.25 2.43
CA PHE E 64 15.70 3.97 1.74
C PHE E 64 14.77 3.10 2.59
N GLU E 65 15.32 2.10 3.26
CA GLU E 65 14.53 1.15 4.03
C GLU E 65 14.23 1.61 5.45
N ALA E 66 14.79 2.73 5.89
CA ALA E 66 14.55 3.22 7.24
C ALA E 66 13.08 3.50 7.51
N LYS E 67 12.27 3.73 6.48
CA LYS E 67 10.86 4.08 6.69
C LYS E 67 10.01 2.88 7.07
N ARG E 68 10.29 1.71 6.50
CA ARG E 68 9.42 0.55 6.71
C ARG E 68 9.92 -0.37 7.83
N THR E 69 11.18 -0.77 7.77
CA THR E 69 11.73 -1.74 8.71
C THR E 69 12.33 -1.04 9.92
N ILE E 70 12.11 -1.61 11.10
CA ILE E 70 12.67 -1.06 12.33
C ILE E 70 14.15 -1.42 12.49
N ASN E 71 14.59 -2.53 11.91
CA ASN E 71 15.98 -2.95 12.07
C ASN E 71 16.95 -2.01 11.37
N ALA E 72 16.51 -1.35 10.29
CA ALA E 72 17.41 -0.49 9.53
C ALA E 72 17.89 0.69 10.35
N ILE E 73 16.99 1.34 11.09
CA ILE E 73 17.34 2.56 11.81
C ILE E 73 18.25 2.31 13.00
N TRP E 74 18.44 1.04 13.39
CA TRP E 74 19.51 0.73 14.34
C TRP E 74 20.88 0.90 13.69
N PHE E 75 21.04 0.35 12.48
CA PHE E 75 22.33 0.38 11.80
C PHE E 75 22.59 1.71 11.08
N LEU E 76 21.55 2.51 10.85
CA LEU E 76 21.75 3.80 10.20
C LEU E 76 22.65 4.70 11.04
N ASN E 77 22.38 4.80 12.34
CA ASN E 77 23.19 5.64 13.22
C ASN E 77 24.61 5.11 13.32
N LEU E 78 24.78 3.79 13.40
CA LEU E 78 26.12 3.21 13.48
C LEU E 78 26.91 3.50 12.20
N ALA E 79 26.26 3.38 11.04
CA ALA E 79 26.94 3.68 9.78
C ALA E 79 27.31 5.16 9.71
N VAL E 80 26.43 6.05 10.17
CA VAL E 80 26.73 7.48 10.14
C VAL E 80 27.92 7.78 11.05
N ALA E 81 27.93 7.19 12.24
CA ALA E 81 29.04 7.42 13.17
C ALA E 81 30.35 6.90 12.60
N ASP E 82 30.34 5.71 12.00
CA ASP E 82 31.56 5.17 11.42
C ASP E 82 32.03 6.01 10.25
N PHE E 83 31.10 6.52 9.44
CA PHE E 83 31.46 7.39 8.32
C PHE E 83 32.14 8.66 8.81
N LEU E 84 31.55 9.29 9.83
CA LEU E 84 32.15 10.50 10.40
C LEU E 84 33.51 10.21 11.00
N SER E 85 33.66 9.05 11.65
CA SER E 85 34.96 8.68 12.20
C SER E 85 36.00 8.50 11.09
N CYS E 86 35.59 7.89 9.97
CA CYS E 86 36.52 7.65 8.88
C CYS E 86 36.96 8.94 8.20
N LEU E 87 36.04 9.92 8.09
CA LEU E 87 36.41 11.17 7.45
C LEU E 87 37.48 11.94 8.21
N ALA E 88 37.65 11.65 9.50
CA ALA E 88 38.62 12.38 10.32
C ALA E 88 40.00 11.74 10.34
N LEU E 89 40.23 10.71 9.52
CA LEU E 89 41.53 10.04 9.52
C LEU E 89 42.69 10.91 9.03
N PRO E 90 42.59 11.65 7.92
CA PRO E 90 43.79 12.36 7.43
C PRO E 90 44.28 13.45 8.36
N ILE E 91 43.43 13.94 9.28
CA ILE E 91 43.88 14.89 10.28
C ILE E 91 44.98 14.29 11.14
N LEU E 92 44.81 13.03 11.56
CA LEU E 92 45.86 12.32 12.27
C LEU E 92 46.97 11.87 11.32
N PHE E 93 46.60 11.52 10.07
CA PHE E 93 47.59 11.02 9.13
C PHE E 93 48.67 12.06 8.85
N THR E 94 48.28 13.31 8.64
CA THR E 94 49.26 14.37 8.42
C THR E 94 49.99 14.72 9.72
N SER E 95 49.28 14.69 10.85
CA SER E 95 49.91 15.02 12.12
C SER E 95 51.03 14.05 12.48
N ILE E 96 50.89 12.79 12.08
CA ILE E 96 51.97 11.83 12.29
C ILE E 96 53.18 12.20 11.47
N VAL E 97 52.97 12.62 10.21
CA VAL E 97 54.08 12.94 9.33
C VAL E 97 54.84 14.17 9.84
N GLN E 98 54.12 15.18 10.31
CA GLN E 98 54.72 16.44 10.74
C GLN E 98 55.29 16.39 12.16
N HIS E 99 55.47 15.19 12.71
CA HIS E 99 56.06 15.02 14.04
C HIS E 99 55.32 15.82 15.10
N HIS E 100 53.99 15.64 15.15
CA HIS E 100 53.12 16.23 16.16
C HIS E 100 53.18 17.76 16.10
N HIS E 101 52.79 18.29 14.95
CA HIS E 101 52.68 19.73 14.73
C HIS E 101 51.23 20.06 14.43
N TRP E 102 50.72 21.13 15.06
CA TRP E 102 49.32 21.51 14.96
C TRP E 102 49.20 22.87 14.28
N PRO E 103 49.10 22.92 12.95
CA PRO E 103 48.98 24.22 12.27
C PRO E 103 47.57 24.80 12.25
N PHE E 104 46.58 24.08 12.77
CA PHE E 104 45.20 24.53 12.67
C PHE E 104 44.95 25.79 13.49
N GLY E 105 45.41 25.80 14.74
CA GLY E 105 45.23 26.94 15.59
C GLY E 105 44.82 26.52 16.99
N GLY E 106 44.23 27.46 17.72
CA GLY E 106 43.84 27.22 19.09
C GLY E 106 42.43 26.67 19.24
N ALA E 107 41.45 27.32 18.59
CA ALA E 107 40.07 26.88 18.72
C ALA E 107 39.85 25.52 18.06
N ALA E 108 40.50 25.26 16.93
CA ALA E 108 40.39 23.95 16.30
C ALA E 108 40.94 22.86 17.22
N CYS E 109 42.07 23.14 17.87
CA CYS E 109 42.65 22.22 18.84
C CYS E 109 41.70 21.89 19.98
N SER E 110 40.80 22.81 20.34
CA SER E 110 39.87 22.59 21.43
C SER E 110 38.52 22.03 20.98
N ILE E 111 38.19 22.13 19.70
CA ILE E 111 36.91 21.65 19.19
C ILE E 111 37.02 20.27 18.56
N LEU E 112 38.01 20.07 17.67
CA LEU E 112 38.05 18.86 16.86
C LEU E 112 38.22 17.57 17.65
N PRO E 113 39.18 17.45 18.58
CA PRO E 113 39.33 16.17 19.29
C PRO E 113 38.10 15.73 20.05
N SER E 114 37.34 16.67 20.59
CA SER E 114 36.11 16.32 21.29
C SER E 114 35.14 15.60 20.35
N LEU E 115 34.97 16.12 19.14
CA LEU E 115 34.07 15.49 18.18
C LEU E 115 34.59 14.13 17.73
N ILE E 116 35.90 14.03 17.47
CA ILE E 116 36.43 12.76 17.00
C ILE E 116 36.31 11.68 18.07
N LEU E 117 36.38 12.06 19.36
CA LEU E 117 36.18 11.10 20.43
C LEU E 117 34.69 10.77 20.60
N LEU E 118 33.84 11.78 20.42
CA LEU E 118 32.40 11.59 20.47
C LEU E 118 31.96 10.52 19.48
N ASN E 119 32.52 10.55 18.28
CA ASN E 119 32.16 9.54 17.27
C ASN E 119 32.47 8.13 17.74
N MET E 120 33.65 7.91 18.32
CA MET E 120 34.03 6.58 18.79
C MET E 120 33.10 6.11 19.90
N TYR E 121 32.83 7.00 20.87
CA TYR E 121 31.98 6.61 21.98
C TYR E 121 30.55 6.30 21.53
N ALA E 122 30.03 7.09 20.59
CA ALA E 122 28.71 6.79 20.03
C ALA E 122 28.72 5.44 19.31
N SER E 123 29.79 5.14 18.57
CA SER E 123 29.88 3.87 17.87
C SER E 123 29.89 2.69 18.83
N ILE E 124 30.55 2.82 19.99
CA ILE E 124 30.55 1.74 20.98
C ILE E 124 29.17 1.57 21.61
N LEU E 125 28.57 2.68 22.05
CA LEU E 125 27.28 2.61 22.70
C LEU E 125 26.19 2.08 21.77
N LEU E 126 26.31 2.36 20.47
CA LEU E 126 25.31 1.86 19.52
C LEU E 126 25.37 0.33 19.41
N LEU E 127 26.58 -0.23 19.39
CA LEU E 127 26.70 -1.69 19.39
C LEU E 127 26.14 -2.30 20.66
N ALA E 128 26.43 -1.68 21.81
CA ALA E 128 25.87 -2.19 23.06
C ALA E 128 24.34 -2.18 23.02
N THR E 129 23.75 -1.08 22.53
CA THR E 129 22.30 -0.98 22.45
C THR E 129 21.71 -1.98 21.47
N ILE E 130 22.40 -2.23 20.35
CA ILE E 130 21.91 -3.23 19.39
C ILE E 130 21.88 -4.62 20.03
N SER E 131 22.94 -4.95 20.78
CA SER E 131 22.95 -6.25 21.47
C SER E 131 21.80 -6.35 22.46
N ALA E 132 21.57 -5.28 23.23
CA ALA E 132 20.45 -5.28 24.16
C ALA E 132 19.12 -5.44 23.44
N ASP E 133 18.98 -4.81 22.28
CA ASP E 133 17.74 -4.91 21.50
C ASP E 133 17.50 -6.34 21.03
N ARG E 134 18.54 -7.00 20.52
CA ARG E 134 18.37 -8.40 20.11
C ARG E 134 18.02 -9.29 21.30
N PHE E 135 18.68 -9.06 22.44
CA PHE E 135 18.36 -9.85 23.63
C PHE E 135 16.90 -9.66 24.03
N LEU E 136 16.40 -8.43 23.97
CA LEU E 136 15.00 -8.19 24.30
C LEU E 136 14.06 -8.70 23.21
N LEU E 137 14.53 -8.90 21.98
CA LEU E 137 13.68 -9.53 20.97
C LEU E 137 13.53 -11.02 21.21
N VAL E 138 14.61 -11.70 21.58
CA VAL E 138 14.54 -13.15 21.75
C VAL E 138 13.74 -13.52 23.00
N PHE E 139 14.17 -13.03 24.16
CA PHE E 139 13.36 -13.17 25.36
C PHE E 139 12.19 -12.19 25.30
N LYS E 140 11.11 -12.54 26.00
CA LYS E 140 9.88 -11.74 26.00
C LYS E 140 9.39 -11.47 24.57
N PRO E 141 9.04 -12.50 23.80
CA PRO E 141 8.66 -12.28 22.40
C PRO E 141 7.29 -11.65 22.25
N ILE E 142 6.39 -11.95 23.19
CA ILE E 142 5.03 -11.42 23.12
C ILE E 142 5.01 -9.92 23.31
N TRP E 143 5.78 -9.42 24.29
CA TRP E 143 5.75 -7.99 24.60
C TRP E 143 6.26 -7.16 23.42
N CYS E 144 7.34 -7.61 22.79
CA CYS E 144 7.92 -6.86 21.68
C CYS E 144 7.06 -6.89 20.42
N GLN E 145 6.04 -7.73 20.38
CA GLN E 145 5.12 -7.68 19.25
C GLN E 145 4.03 -6.64 19.44
N ASN E 146 3.43 -6.58 20.63
CA ASN E 146 2.33 -5.65 20.87
C ASN E 146 2.81 -4.22 21.02
N PHE E 147 3.92 -4.01 21.74
CA PHE E 147 4.30 -2.68 22.20
C PHE E 147 5.71 -2.30 21.75
N ARG E 148 6.05 -2.56 20.50
CA ARG E 148 7.32 -2.11 19.93
C ARG E 148 7.09 -1.53 18.55
N GLY E 149 7.66 -0.35 18.31
CA GLY E 149 7.53 0.32 17.03
C GLY E 149 8.83 0.93 16.55
N ALA E 150 8.74 2.14 15.98
CA ALA E 150 9.92 2.82 15.46
C ALA E 150 10.40 3.97 16.34
N GLY E 151 9.52 4.56 17.14
CA GLY E 151 9.94 5.66 18.00
C GLY E 151 10.91 5.24 19.08
N LEU E 152 10.74 4.01 19.60
CA LEU E 152 11.59 3.54 20.69
C LEU E 152 13.06 3.46 20.25
N ALA E 153 13.30 2.99 19.03
CA ALA E 153 14.67 2.91 18.54
C ALA E 153 15.30 4.29 18.41
N TRP E 154 14.54 5.27 17.92
CA TRP E 154 15.05 6.64 17.84
C TRP E 154 15.37 7.19 19.22
N ILE E 155 14.50 6.91 20.20
CA ILE E 155 14.76 7.36 21.57
C ILE E 155 16.05 6.74 22.10
N ALA E 156 16.22 5.43 21.85
CA ALA E 156 17.42 4.75 22.32
C ALA E 156 18.68 5.33 21.68
N CYS E 157 18.63 5.59 20.37
CA CYS E 157 19.79 6.18 19.69
C CYS E 157 20.10 7.57 20.22
N ALA E 158 19.05 8.36 20.46
CA ALA E 158 19.25 9.69 21.03
C ALA E 158 19.90 9.60 22.41
N VAL E 159 19.47 8.65 23.23
CA VAL E 159 20.07 8.46 24.55
C VAL E 159 21.53 8.07 24.42
N ALA E 160 21.85 7.20 23.46
CA ALA E 160 23.24 6.80 23.25
C ALA E 160 24.11 8.01 22.89
N TRP E 161 23.62 8.84 21.95
CA TRP E 161 24.37 10.05 21.59
C TRP E 161 24.50 11.00 22.77
N GLY E 162 23.44 11.12 23.59
CA GLY E 162 23.51 12.00 24.74
C GLY E 162 24.54 11.55 25.76
N LEU E 163 24.60 10.25 26.04
CA LEU E 163 25.65 9.75 26.93
C LEU E 163 27.03 9.94 26.32
N ALA E 164 27.15 9.79 25.00
CA ALA E 164 28.44 10.05 24.35
C ALA E 164 28.87 11.50 24.55
N LEU E 165 27.93 12.44 24.40
CA LEU E 165 28.25 13.84 24.63
C LEU E 165 28.60 14.10 26.09
N LEU E 166 27.84 13.52 27.01
CA LEU E 166 28.12 13.72 28.43
C LEU E 166 29.49 13.14 28.81
N LEU E 167 29.95 12.13 28.07
CA LEU E 167 31.27 11.56 28.32
C LEU E 167 32.37 12.34 27.62
N THR E 168 32.08 13.04 26.53
CA THR E 168 33.10 13.78 25.80
C THR E 168 33.23 15.23 26.23
N ILE E 169 32.30 15.76 27.04
CA ILE E 169 32.44 17.15 27.52
C ILE E 169 33.72 17.42 28.28
N PRO E 170 34.30 16.49 29.07
CA PRO E 170 35.55 16.84 29.76
C PRO E 170 36.68 17.26 28.82
N SER E 171 36.74 16.72 27.60
CA SER E 171 37.80 17.08 26.68
C SER E 171 37.72 18.55 26.26
N PHE E 172 36.50 19.12 26.24
CA PHE E 172 36.34 20.52 25.87
C PHE E 172 37.09 21.43 26.83
N LEU E 173 36.95 21.19 28.13
CA LEU E 173 37.39 22.16 29.13
C LEU E 173 38.91 22.16 29.27
N TYR E 174 39.54 20.99 29.29
CA TYR E 174 40.89 20.84 29.79
C TYR E 174 41.91 20.65 28.68
N ARG E 175 41.70 21.28 27.52
CA ARG E 175 42.66 21.23 26.42
C ARG E 175 43.21 22.62 26.17
N VAL E 176 44.54 22.73 26.19
CA VAL E 176 45.25 23.97 25.97
C VAL E 176 46.40 23.71 25.00
N VAL E 177 47.07 24.80 24.60
CA VAL E 177 48.12 24.73 23.58
C VAL E 177 49.36 25.44 24.12
N ARG E 178 50.54 24.93 23.74
CA ARG E 178 51.80 25.56 24.08
C ARG E 178 52.63 25.76 22.82
N GLU E 179 53.36 26.88 22.80
CA GLU E 179 54.25 27.25 21.71
C GLU E 179 55.69 27.15 22.18
N GLU E 180 56.56 26.63 21.32
CA GLU E 180 57.96 26.39 21.67
C GLU E 180 58.81 27.48 21.03
N TYR E 181 59.35 28.38 21.86
CA TYR E 181 60.22 29.45 21.38
C TYR E 181 61.64 28.97 21.10
N PHE E 182 61.91 27.69 21.32
CA PHE E 182 63.01 26.94 20.75
C PHE E 182 62.70 26.78 19.27
N PRO E 183 63.50 26.07 18.44
CA PRO E 183 63.11 25.88 17.03
C PRO E 183 61.64 25.51 16.91
N PRO E 184 60.91 26.19 16.01
CA PRO E 184 59.45 26.33 16.17
C PRO E 184 58.70 25.01 16.13
N LYS E 185 58.05 24.69 17.25
CA LYS E 185 56.99 23.69 17.29
C LYS E 185 55.82 24.24 18.09
N VAL E 186 54.66 23.60 17.93
CA VAL E 186 53.47 23.93 18.70
C VAL E 186 52.76 22.63 19.03
N LEU E 187 52.22 22.55 20.25
CA LEU E 187 51.74 21.26 20.74
C LEU E 187 50.36 21.39 21.36
N CYS E 188 49.46 20.50 20.98
CA CYS E 188 48.21 20.26 21.70
C CYS E 188 48.39 19.18 22.75
N GLY E 189 47.86 19.42 23.93
CA GLY E 189 47.90 18.44 25.00
C GLY E 189 46.84 18.72 26.03
N VAL E 190 47.09 18.25 27.24
CA VAL E 190 46.18 18.42 28.36
C VAL E 190 46.98 18.93 29.56
N ASP E 191 46.51 20.01 30.17
CA ASP E 191 47.14 20.58 31.36
C ASP E 191 46.09 20.67 32.46
N TYR E 192 46.37 20.05 33.60
CA TYR E 192 45.44 20.01 34.71
C TYR E 192 45.79 21.00 35.81
N SER E 193 46.78 21.87 35.58
CA SER E 193 47.22 22.86 36.57
C SER E 193 47.60 22.20 37.89
N HIS E 194 48.37 21.11 37.79
CA HIS E 194 48.85 20.35 38.93
C HIS E 194 47.71 19.87 39.81
N ASP E 195 46.78 19.15 39.17
CA ASP E 195 45.62 18.54 39.84
C ASP E 195 45.52 17.10 39.36
N LYS E 196 46.20 16.19 40.06
CA LYS E 196 46.22 14.80 39.64
C LYS E 196 44.89 14.10 39.89
N ARG E 197 44.18 14.50 40.95
CA ARG E 197 42.94 13.81 41.31
C ARG E 197 41.90 13.88 40.21
N ARG E 198 41.72 15.07 39.61
CA ARG E 198 40.73 15.23 38.56
C ARG E 198 41.09 14.38 37.34
N GLU E 199 42.37 14.38 36.95
CA GLU E 199 42.81 13.60 35.81
C GLU E 199 42.56 12.11 36.03
N ARG E 200 42.94 11.60 37.21
CA ARG E 200 42.75 10.19 37.50
C ARG E 200 41.26 9.83 37.55
N ALA E 201 40.43 10.71 38.14
CA ALA E 201 39.00 10.44 38.19
C ALA E 201 38.38 10.39 36.80
N VAL E 202 38.78 11.33 35.93
CA VAL E 202 38.26 11.32 34.56
C VAL E 202 38.69 10.06 33.84
N ALA E 203 39.95 9.64 34.02
CA ALA E 203 40.42 8.42 33.38
C ALA E 203 39.64 7.20 33.85
N ILE E 204 39.40 7.10 35.16
CA ILE E 204 38.63 5.96 35.68
C ILE E 204 37.21 5.97 35.14
N VAL E 205 36.56 7.14 35.11
CA VAL E 205 35.20 7.21 34.59
C VAL E 205 35.15 6.78 33.13
N ARG E 206 36.09 7.27 32.32
CA ARG E 206 36.10 6.89 30.91
C ARG E 206 36.35 5.39 30.74
N LEU E 207 37.29 4.83 31.50
CA LEU E 207 37.59 3.41 31.38
C LEU E 207 36.39 2.55 31.76
N VAL E 208 35.73 2.89 32.87
CA VAL E 208 34.60 2.08 33.32
C VAL E 208 33.42 2.21 32.36
N LEU E 209 33.12 3.42 31.90
CA LEU E 209 31.93 3.66 31.10
C LEU E 209 32.18 3.45 29.60
N GLY E 210 33.39 3.10 29.21
CA GLY E 210 33.67 2.93 27.79
C GLY E 210 34.03 1.53 27.35
N PHE E 211 34.61 0.73 28.25
CA PHE E 211 35.09 -0.60 27.88
C PHE E 211 34.40 -1.72 28.64
N LEU E 212 34.42 -1.67 29.98
CA LEU E 212 34.00 -2.85 30.76
C LEU E 212 32.50 -3.08 30.67
N TRP E 213 31.71 -2.02 30.84
CA TRP E 213 30.25 -2.18 30.82
C TRP E 213 29.72 -2.66 29.48
N PRO E 214 30.10 -2.06 28.33
CA PRO E 214 29.63 -2.62 27.04
C PRO E 214 30.06 -4.06 26.83
N LEU E 215 31.30 -4.41 27.22
CA LEU E 215 31.76 -5.78 27.03
C LEU E 215 30.94 -6.76 27.86
N LEU E 216 30.70 -6.42 29.12
CA LEU E 216 29.90 -7.29 29.99
C LEU E 216 28.50 -7.48 29.44
N THR E 217 27.84 -6.37 29.06
CA THR E 217 26.49 -6.46 28.54
C THR E 217 26.45 -7.29 27.26
N LEU E 218 27.38 -7.03 26.34
CA LEU E 218 27.45 -7.75 25.08
C LEU E 218 27.61 -9.26 25.30
N THR E 219 28.57 -9.64 26.14
CA THR E 219 28.86 -11.05 26.35
C THR E 219 27.69 -11.77 27.01
N ILE E 220 27.12 -11.17 28.06
CA ILE E 220 26.00 -11.81 28.74
C ILE E 220 24.82 -11.96 27.80
N CYS E 221 24.51 -10.89 27.05
CA CYS E 221 23.37 -10.95 26.15
C CYS E 221 23.55 -12.05 25.11
N TYR E 222 24.70 -12.11 24.45
CA TYR E 222 24.88 -13.13 23.42
C TYR E 222 24.94 -14.54 23.99
N THR E 223 25.54 -14.74 25.17
CA THR E 223 25.56 -16.11 25.70
C THR E 223 24.15 -16.58 26.05
N PHE E 224 23.33 -15.70 26.60
CA PHE E 224 21.93 -16.07 26.84
C PHE E 224 21.20 -16.31 25.52
N ILE E 225 21.50 -15.51 24.49
CA ILE E 225 20.87 -15.70 23.19
C ILE E 225 21.16 -17.08 22.65
N LEU E 226 22.44 -17.49 22.66
CA LEU E 226 22.80 -18.82 22.15
C LEU E 226 22.14 -19.91 22.97
N LEU E 227 22.14 -19.78 24.29
CA LEU E 227 21.53 -20.82 25.12
C LEU E 227 20.05 -21.00 24.79
N ARG E 228 19.29 -19.90 24.81
CA ARG E 228 17.86 -20.02 24.56
C ARG E 228 17.55 -20.42 23.12
N THR E 229 18.35 -19.95 22.16
CA THR E 229 18.12 -20.30 20.76
C THR E 229 18.36 -21.78 20.51
N TRP E 230 19.43 -22.34 21.07
CA TRP E 230 19.72 -23.75 20.88
C TRP E 230 18.96 -24.65 21.85
N SER E 231 18.18 -24.07 22.76
CA SER E 231 17.34 -24.89 23.63
C SER E 231 16.36 -25.74 22.85
N ARG E 232 15.72 -25.17 21.82
CA ARG E 232 14.69 -25.87 21.06
C ARG E 232 15.16 -26.17 19.65
N ARG E 233 14.48 -27.12 19.02
CA ARG E 233 14.88 -27.61 17.71
C ARG E 233 14.50 -26.65 16.57
N ALA E 234 13.36 -25.99 16.67
CA ALA E 234 12.88 -25.16 15.56
C ALA E 234 13.78 -23.95 15.34
N THR E 235 14.34 -23.38 16.40
CA THR E 235 15.15 -22.17 16.31
C THR E 235 16.63 -22.45 16.20
N ARG E 236 17.05 -23.72 16.16
CA ARG E 236 18.46 -24.06 16.21
C ARG E 236 19.13 -23.86 14.85
N SER E 237 20.20 -23.07 14.83
CA SER E 237 20.97 -22.83 13.61
C SER E 237 22.41 -22.51 14.00
N THR E 238 23.31 -22.65 13.02
CA THR E 238 24.73 -22.49 13.27
C THR E 238 25.26 -21.09 12.94
N LYS E 239 24.44 -20.22 12.35
CA LYS E 239 24.91 -18.89 11.98
C LYS E 239 25.03 -17.97 13.19
N THR E 240 24.16 -18.15 14.18
CA THR E 240 24.18 -17.30 15.37
C THR E 240 25.53 -17.40 16.08
N LEU E 241 26.04 -18.61 16.23
CA LEU E 241 27.33 -18.81 16.90
C LEU E 241 28.45 -18.08 16.15
N LYS E 242 28.47 -18.21 14.83
CA LYS E 242 29.51 -17.56 14.04
C LYS E 242 29.46 -16.05 14.21
N VAL E 243 28.26 -15.46 14.06
CA VAL E 243 28.14 -14.01 14.15
C VAL E 243 28.53 -13.51 15.53
N VAL E 244 28.05 -14.20 16.57
CA VAL E 244 28.33 -13.78 17.95
C VAL E 244 29.83 -13.86 18.25
N VAL E 245 30.45 -14.99 17.91
CA VAL E 245 31.88 -15.14 18.20
C VAL E 245 32.68 -14.10 17.45
N ALA E 246 32.37 -13.88 16.17
CA ALA E 246 33.08 -12.86 15.41
C ALA E 246 32.98 -11.50 16.07
N VAL E 247 31.76 -11.08 16.42
CA VAL E 247 31.57 -9.75 16.99
C VAL E 247 32.33 -9.59 18.30
N VAL E 248 32.15 -10.55 19.22
CA VAL E 248 32.74 -10.40 20.55
C VAL E 248 34.26 -10.46 20.48
N ALA E 249 34.81 -11.43 19.72
CA ALA E 249 36.26 -11.55 19.61
C ALA E 249 36.86 -10.31 18.99
N SER E 250 36.26 -9.80 17.90
CA SER E 250 36.77 -8.60 17.27
C SER E 250 36.79 -7.44 18.25
N PHE E 251 35.67 -7.20 18.93
CA PHE E 251 35.58 -6.08 19.85
C PHE E 251 36.65 -6.16 20.93
N PHE E 252 36.72 -7.30 21.62
CA PHE E 252 37.66 -7.44 22.73
C PHE E 252 39.10 -7.29 22.26
N ILE E 253 39.49 -8.06 21.23
CA ILE E 253 40.87 -8.09 20.78
C ILE E 253 41.31 -6.71 20.28
N PHE E 254 40.44 -6.04 19.51
CA PHE E 254 40.86 -4.79 18.89
C PHE E 254 40.59 -3.57 19.76
N TRP E 255 39.99 -3.72 20.94
CA TRP E 255 39.84 -2.57 21.82
C TRP E 255 40.60 -2.68 23.13
N LEU E 256 41.15 -3.84 23.49
CA LEU E 256 41.92 -3.93 24.73
C LEU E 256 43.18 -3.05 24.74
N PRO E 257 44.08 -3.13 23.74
CA PRO E 257 45.35 -2.39 23.86
C PRO E 257 45.18 -0.88 24.00
N TYR E 258 44.24 -0.29 23.27
CA TYR E 258 44.01 1.14 23.34
C TYR E 258 43.68 1.55 24.78
N GLN E 259 42.74 0.86 25.40
CA GLN E 259 42.32 1.21 26.75
C GLN E 259 43.44 0.99 27.76
N VAL E 260 44.16 -0.14 27.66
CA VAL E 260 45.18 -0.40 28.66
C VAL E 260 46.32 0.62 28.56
N THR E 261 46.76 0.94 27.33
CA THR E 261 47.80 1.94 27.18
C THR E 261 47.33 3.31 27.63
N GLY E 262 46.08 3.66 27.34
CA GLY E 262 45.56 4.94 27.78
C GLY E 262 45.56 5.08 29.28
N ILE E 263 45.08 4.05 29.99
CA ILE E 263 45.02 4.16 31.45
C ILE E 263 46.42 4.16 32.05
N MET E 264 47.34 3.38 31.48
CA MET E 264 48.72 3.40 31.97
C MET E 264 49.36 4.77 31.79
N MET E 265 49.15 5.39 30.63
CA MET E 265 49.68 6.73 30.40
C MET E 265 49.03 7.74 31.31
N SER E 266 47.74 7.56 31.64
CA SER E 266 47.06 8.51 32.51
C SER E 266 47.59 8.44 33.94
N PHE E 267 47.84 7.23 34.45
CA PHE E 267 48.35 7.12 35.82
C PHE E 267 49.76 7.65 35.98
N LEU E 268 50.56 7.67 34.92
CA LEU E 268 51.96 8.04 35.07
C LEU E 268 52.15 9.55 35.05
N GLU E 269 53.30 9.99 35.58
CA GLU E 269 53.78 11.36 35.61
C GLU E 269 54.41 11.71 34.27
N PRO E 270 54.37 12.99 33.87
CA PRO E 270 54.87 13.37 32.54
C PRO E 270 56.37 13.18 32.33
N SER E 271 57.10 12.73 33.34
CA SER E 271 58.55 12.55 33.23
C SER E 271 58.92 11.17 33.74
N SER E 272 59.08 10.22 32.81
CA SER E 272 59.49 8.85 33.13
C SER E 272 59.92 8.13 31.86
N PRO E 273 60.93 7.25 31.93
CA PRO E 273 61.29 6.48 30.74
C PRO E 273 60.16 5.60 30.22
N THR E 274 59.35 5.05 31.14
CA THR E 274 58.19 4.27 30.72
C THR E 274 57.20 5.12 29.96
N PHE E 275 57.06 6.39 30.35
CA PHE E 275 56.18 7.30 29.61
C PHE E 275 56.66 7.47 28.18
N LEU E 276 57.97 7.65 27.99
CA LEU E 276 58.51 7.77 26.63
C LEU E 276 58.30 6.48 25.85
N LEU E 277 58.54 5.33 26.48
CA LEU E 277 58.36 4.06 25.79
C LEU E 277 56.92 3.87 25.35
N LEU E 278 55.96 4.23 26.21
CA LEU E 278 54.56 4.17 25.81
C LEU E 278 54.23 5.20 24.74
N LYS E 279 54.92 6.35 24.76
CA LYS E 279 54.76 7.33 23.69
C LYS E 279 55.26 6.81 22.36
N LYS E 280 56.18 5.85 22.36
CA LYS E 280 56.63 5.25 21.11
C LYS E 280 55.59 4.35 20.46
N LEU E 281 54.50 4.03 21.16
CA LEU E 281 53.52 3.06 20.67
C LEU E 281 52.09 3.59 20.70
N ASP E 282 51.92 4.91 20.71
CA ASP E 282 50.58 5.48 20.76
C ASP E 282 49.82 5.28 19.45
N SER E 283 50.45 5.59 18.32
CA SER E 283 49.74 5.59 17.04
C SER E 283 49.37 4.17 16.62
N LEU E 284 50.19 3.18 16.98
CA LEU E 284 49.82 1.79 16.72
C LEU E 284 48.52 1.44 17.44
N CYS E 285 48.40 1.84 18.70
CA CYS E 285 47.16 1.58 19.44
C CYS E 285 45.99 2.32 18.82
N VAL E 286 46.22 3.56 18.37
CA VAL E 286 45.15 4.33 17.75
C VAL E 286 44.63 3.61 16.50
N SER E 287 45.55 3.14 15.64
CA SER E 287 45.13 2.45 14.43
C SER E 287 44.45 1.11 14.75
N PHE E 288 44.98 0.40 15.75
CA PHE E 288 44.40 -0.88 16.14
C PHE E 288 43.00 -0.70 16.73
N ALA E 289 42.72 0.45 17.32
CA ALA E 289 41.36 0.76 17.73
C ALA E 289 40.51 1.16 16.53
N TYR E 290 41.11 1.86 15.55
CA TYR E 290 40.35 2.32 14.40
C TYR E 290 39.89 1.18 13.51
N ILE E 291 40.63 0.07 13.47
CA ILE E 291 40.28 -1.02 12.55
C ILE E 291 38.87 -1.55 12.81
N ASN E 292 38.32 -1.31 14.00
CA ASN E 292 36.97 -1.74 14.30
C ASN E 292 35.94 -1.01 13.44
N CYS E 293 36.20 0.26 13.09
CA CYS E 293 35.30 0.98 12.21
C CYS E 293 35.24 0.38 10.82
N CYS E 294 36.31 -0.28 10.39
CA CYS E 294 36.29 -1.02 9.13
C CYS E 294 35.62 -2.38 9.30
N ILE E 295 35.85 -3.03 10.43
CA ILE E 295 35.34 -4.39 10.63
C ILE E 295 33.83 -4.39 10.78
N ASN E 296 33.28 -3.40 11.48
CA ASN E 296 31.85 -3.43 11.84
C ASN E 296 30.91 -3.50 10.65
N PRO E 297 31.02 -2.67 9.61
CA PRO E 297 30.00 -2.71 8.55
C PRO E 297 30.08 -3.92 7.62
N ILE E 298 31.17 -4.68 7.67
CA ILE E 298 31.29 -5.85 6.78
C ILE E 298 30.32 -6.95 7.21
N ILE E 299 30.14 -7.11 8.52
CA ILE E 299 29.29 -8.20 9.03
C ILE E 299 27.84 -8.03 8.57
N TYR E 300 27.33 -6.79 8.59
CA TYR E 300 25.96 -6.54 8.17
C TYR E 300 25.74 -6.93 6.72
N VAL E 301 26.69 -6.59 5.85
CA VAL E 301 26.56 -6.93 4.43
C VAL E 301 26.69 -8.44 4.23
N VAL E 302 27.69 -9.05 4.85
CA VAL E 302 27.96 -10.46 4.62
C VAL E 302 26.85 -11.33 5.22
N ALA E 303 26.48 -11.06 6.47
CA ALA E 303 25.49 -11.85 7.18
C ALA E 303 24.06 -11.36 6.96
N GLY E 304 23.81 -10.62 5.89
CA GLY E 304 22.49 -10.13 5.59
C GLY E 304 21.79 -10.96 4.54
N GLN E 305 20.45 -10.92 4.57
CA GLN E 305 19.64 -11.71 3.66
C GLN E 305 19.41 -10.91 2.36
N GLY E 306 20.07 -11.32 1.29
CA GLY E 306 19.88 -10.71 0.00
C GLY E 306 20.23 -9.23 -0.06
N PHE E 307 21.40 -8.88 0.47
CA PHE E 307 21.82 -7.47 0.42
C PHE E 307 22.01 -6.99 -1.01
N GLN E 308 22.43 -7.88 -1.91
CA GLN E 308 22.60 -7.49 -3.31
C GLN E 308 21.27 -7.08 -3.93
N GLY E 309 20.21 -7.84 -3.65
CA GLY E 309 18.90 -7.46 -4.15
C GLY E 309 18.40 -6.15 -3.57
N ARG E 310 18.63 -5.93 -2.27
CA ARG E 310 18.23 -4.69 -1.63
C ARG E 310 18.98 -3.50 -2.22
N LEU E 311 20.26 -3.69 -2.56
CA LEU E 311 21.00 -2.62 -3.24
C LEU E 311 20.46 -2.40 -4.65
N ARG E 312 20.14 -3.48 -5.36
CA ARG E 312 19.60 -3.34 -6.72
C ARG E 312 18.26 -2.62 -6.72
N LYS E 313 17.47 -2.79 -5.65
CA LYS E 313 16.19 -2.09 -5.57
C LYS E 313 16.38 -0.58 -5.54
N SER E 314 17.38 -0.11 -4.79
CA SER E 314 17.67 1.31 -4.70
C SER E 314 18.98 1.66 -5.40
N PHE F 2 52.24 19.77 31.32
CA PHE F 2 51.64 19.62 30.00
C PHE F 2 51.97 18.24 29.43
N LYS F 3 50.95 17.57 28.88
CA LYS F 3 51.10 16.22 28.38
C LYS F 3 51.07 16.22 26.85
N PRO F 4 51.94 15.45 26.20
CA PRO F 4 52.00 15.48 24.74
C PRO F 4 50.91 14.66 24.05
N LEU F 5 49.83 14.31 24.77
CA LEU F 5 48.74 13.50 24.23
C LEU F 5 48.28 14.02 22.87
N ALA F 6 48.39 13.18 21.84
CA ALA F 6 48.11 13.58 20.47
C ALA F 6 46.61 13.56 20.17
N ALA F 7 46.26 13.65 18.89
CA ALA F 7 44.88 13.61 18.45
C ALA F 7 44.28 12.23 18.73
N ARG F 9 43.43 10.22 21.83
CA ARG F 9 43.50 10.08 23.27
C ARG F 9 43.83 11.41 23.94
#